data_3AL8
#
_entry.id   3AL8
#
_cell.length_a   240.870
_cell.length_b   240.870
_cell.length_c   146.745
_cell.angle_alpha   90.00
_cell.angle_beta   90.00
_cell.angle_gamma   120.00
#
_symmetry.space_group_name_H-M   'P 61 2 2'
#
loop_
_entity.id
_entity.type
_entity.pdbx_description
1 polymer Semaphorin-6A
2 polymer Plexin-A2
3 branched 2-acetamido-2-deoxy-beta-D-glucopyranose-(1-4)-2-acetamido-2-deoxy-beta-D-glucopyranose
4 branched alpha-D-mannopyranose-(1-3)-[alpha-D-mannopyranose-(1-6)]alpha-D-mannopyranose-(1-6)-[alpha-D-mannopyranose-(1-3)]beta-D-mannopyranose-(1-4)-2-acetamido-2-deoxy-beta-D-glucopyranose-(1-4)-2-acetamido-2-deoxy-beta-D-glucopyranose
5 non-polymer 2-acetamido-2-deoxy-beta-D-glucopyranose
#
loop_
_entity_poly.entity_id
_entity_poly.type
_entity_poly.pdbx_seq_one_letter_code
_entity_poly.pdbx_strand_id
1 'polypeptide(L)'
;GSSRGFPEDSEPISISHGNYTKQYPVFVGHKPGRNTTQRHRLDIQMIMIMNRTLYVAARDHIYTVDIDTSHTEEIYCSKK
LTWKSRQADVDTCRMKGKHKDECHNFIKVLLKKNDDTLFVCGTNAFNPSCRNYRVDTLETFGDEFSGMARCPYDAKHANI
ALFADGKLYSATVTDFLAIDAVIYRSLGDSPTLRTVKHDSKWLKEPYFVQAVDYGDYIYFFFREIAVEYNTMGKVVFPRV
AQVCKNDMGGSQRVLEKQWTSFLKARLNCSVPGDSHFYFNILQAVTDVIRINGRDVVLATFSTPYNSIPGSAVCAYDMLD
IANVFTGRFKEQKSPDSTWTPVPDERVPKPRPGCCAGSSSLEKYATSNEFPDDTLNFIKTHPLMDEAVPSIINRPWFLRT
MVRYRLTKIAVDNAAGPYQNHTVVFLGSEKGIILKFLARIGSSGFLNGSLFLEEMNVYNPEKCSYDGVEDKRIMGMQLDR
ASGSLYVAFSTCVIKVPLGRCERHGKCKKTCIASRDPYCGWVRESGSCAHLSPLSRLTFEQDIERGNTDGLGDCHN
;
A
2 'polypeptide(L)'
;GTTGMPQYSTFHSENRDWTFNHLTVHRRTGAVYVGAINRVYKLTGNLTIQVAHKTGPEEDNKACYPPLIVQPCSEVLTLT
NNVNKLLIIDYSENRLLACGSLYQGVCKLLRLDDLFILVEPSHKKEHYLSSVNKTGTMYGVIVRSEGEDGKLFIGTAVDG
KQDYFPTLSSRKLPRDPESSAMLDYELHSDFVSSLIKIPSDTLALVSHFDIFYIYGFASGGFVYFLTVQPETPDGMAINS
AGDLFYTSRIVRLCKDDPKFHSYVSLPFGCTRAGVEYRLLQAAYLAKPGEALAQAFNISSDEDVLFAIFSKGQKQYHHPP
DDSALCAFPIRAINLQIKERLQSCYHGEGNLELNWLLGKDVQCTKAPVPIDDNFCGLDINQPLGGSTPVEGLTLYTTSRD
RLTSVASYVYNGYSVVFVGTKSGKLKKIRADGPPHGGVQYEMVSVFKDGSPILRDMAFSINQLYLYVMSERQVTRVPVES
CEQYTTCGECLSSGDPHCGWCALHNMCSRRDKCQRAWEANRFAASISQCMSSRENLYFQ
;
B
#
loop_
_chem_comp.id
_chem_comp.type
_chem_comp.name
_chem_comp.formula
BMA D-saccharide, beta linking beta-D-mannopyranose 'C6 H12 O6'
MAN D-saccharide, alpha linking alpha-D-mannopyranose 'C6 H12 O6'
NAG D-saccharide, beta linking 2-acetamido-2-deoxy-beta-D-glucopyranose 'C8 H15 N O6'
#
# COMPACT_ATOMS: atom_id res chain seq x y z
N GLY A 5 -22.98 -0.04 40.39
CA GLY A 5 -23.99 0.06 39.28
C GLY A 5 -23.67 -0.74 38.04
N PHE A 6 -22.38 -1.04 37.85
CA PHE A 6 -21.93 -1.93 36.79
C PHE A 6 -21.85 -3.37 37.32
N PRO A 7 -22.67 -4.28 36.76
CA PRO A 7 -22.84 -5.64 37.29
C PRO A 7 -21.56 -6.24 37.89
N GLU A 8 -21.64 -6.75 39.11
CA GLU A 8 -20.50 -7.35 39.80
C GLU A 8 -20.06 -8.64 39.09
N ASP A 9 -18.76 -8.95 39.13
CA ASP A 9 -18.23 -10.21 38.61
C ASP A 9 -18.83 -11.39 39.36
N SER A 10 -19.68 -12.16 38.67
CA SER A 10 -20.40 -13.27 39.29
C SER A 10 -19.50 -14.46 39.59
N GLU A 11 -19.98 -15.34 40.46
CA GLU A 11 -19.21 -16.49 40.97
C GLU A 11 -19.57 -17.78 40.23
N PRO A 12 -18.60 -18.71 40.07
CA PRO A 12 -18.94 -19.98 39.44
C PRO A 12 -19.74 -20.85 40.40
N ILE A 13 -20.57 -21.73 39.85
CA ILE A 13 -21.36 -22.64 40.67
C ILE A 13 -20.47 -23.61 41.45
N SER A 14 -19.60 -24.34 40.76
CA SER A 14 -18.66 -25.24 41.44
C SER A 14 -17.27 -24.63 41.60
N ILE A 15 -16.47 -25.22 42.51
CA ILE A 15 -15.10 -24.75 42.78
C ILE A 15 -14.11 -25.20 41.70
N THR A 21 -4.84 -29.49 40.71
CA THR A 21 -6.03 -29.38 39.88
C THR A 21 -5.91 -30.13 38.54
N LYS A 22 -4.92 -29.72 37.72
CA LYS A 22 -4.76 -30.27 36.37
C LYS A 22 -3.78 -31.47 36.32
N GLN A 23 -4.32 -32.63 35.96
CA GLN A 23 -3.53 -33.84 35.73
C GLN A 23 -4.12 -34.62 34.55
N TYR A 24 -4.52 -33.87 33.52
CA TYR A 24 -5.10 -34.41 32.29
C TYR A 24 -3.98 -34.85 31.32
N PRO A 25 -4.34 -35.44 30.17
CA PRO A 25 -3.33 -35.78 29.15
C PRO A 25 -2.72 -34.53 28.50
N VAL A 26 -1.41 -34.56 28.27
CA VAL A 26 -0.69 -33.44 27.65
C VAL A 26 0.19 -33.93 26.50
N PHE A 27 0.28 -33.12 25.44
CA PHE A 27 1.08 -33.43 24.26
C PHE A 27 2.26 -32.47 24.08
N VAL A 28 3.47 -33.02 24.06
CA VAL A 28 4.68 -32.20 23.97
C VAL A 28 5.54 -32.47 22.73
N GLY A 29 5.08 -33.38 21.86
CA GLY A 29 5.82 -33.75 20.65
C GLY A 29 6.36 -35.17 20.69
N HIS A 30 7.20 -35.45 21.69
CA HIS A 30 7.83 -36.76 21.93
C HIS A 30 7.54 -37.86 20.89
N ARG A 39 14.58 -31.35 24.80
CA ARG A 39 13.33 -31.08 24.09
C ARG A 39 13.17 -29.57 23.84
N HIS A 40 12.76 -29.22 22.62
CA HIS A 40 12.67 -27.80 22.21
C HIS A 40 11.28 -27.20 22.42
N ARG A 41 11.22 -25.86 22.38
CA ARG A 41 9.95 -25.13 22.26
C ARG A 41 9.19 -25.66 21.04
N LEU A 42 7.87 -25.64 21.11
CA LEU A 42 7.05 -26.06 19.98
C LEU A 42 6.52 -24.89 19.18
N ASP A 43 6.32 -23.75 19.85
CA ASP A 43 5.76 -22.54 19.24
C ASP A 43 4.49 -22.81 18.42
N ILE A 44 3.55 -23.50 19.06
CA ILE A 44 2.27 -23.85 18.44
C ILE A 44 1.55 -22.58 18.01
N GLN A 45 1.03 -22.58 16.78
CA GLN A 45 0.41 -21.39 16.23
C GLN A 45 -1.10 -21.49 16.15
N MET A 46 -1.62 -22.70 16.05
CA MET A 46 -3.06 -22.95 15.94
C MET A 46 -3.34 -24.45 15.99
N ILE A 47 -4.50 -24.84 16.52
CA ILE A 47 -4.92 -26.23 16.38
C ILE A 47 -6.18 -26.34 15.53
N MET A 48 -6.43 -27.55 15.03
CA MET A 48 -7.50 -27.81 14.08
C MET A 48 -7.89 -29.28 14.19
N ILE A 49 -9.11 -29.61 13.79
CA ILE A 49 -9.54 -31.00 13.72
C ILE A 49 -10.21 -31.26 12.39
N MET A 50 -9.69 -32.24 11.65
CA MET A 50 -10.38 -32.78 10.47
C MET A 50 -10.64 -34.27 10.67
N ASN A 51 -11.80 -34.72 10.16
CA ASN A 51 -12.24 -36.10 10.31
C ASN A 51 -12.12 -36.54 11.77
N ARG A 52 -11.04 -37.25 12.10
CA ARG A 52 -10.83 -37.74 13.47
C ARG A 52 -9.38 -37.57 13.94
N THR A 53 -8.69 -36.58 13.36
CA THR A 53 -7.29 -36.28 13.72
C THR A 53 -7.08 -34.80 14.08
N LEU A 54 -6.35 -34.57 15.16
CA LEU A 54 -6.05 -33.20 15.60
C LEU A 54 -4.73 -32.71 15.00
N TYR A 55 -4.79 -31.63 14.23
CA TYR A 55 -3.60 -31.03 13.63
C TYR A 55 -3.03 -29.93 14.52
N VAL A 56 -1.71 -29.92 14.70
CA VAL A 56 -1.05 -28.90 15.53
C VAL A 56 -0.06 -28.10 14.69
N ALA A 57 -0.53 -27.04 14.04
CA ALA A 57 0.33 -26.18 13.23
C ALA A 57 1.27 -25.34 14.09
N ALA A 58 2.57 -25.51 13.88
CA ALA A 58 3.58 -24.86 14.72
C ALA A 58 4.79 -24.38 13.93
N ARG A 59 5.93 -24.30 14.62
CA ARG A 59 7.19 -23.87 14.03
C ARG A 59 7.85 -25.01 13.29
N ASP A 60 8.17 -24.77 12.02
CA ASP A 60 8.87 -25.72 11.16
C ASP A 60 8.11 -27.05 10.97
N HIS A 61 6.95 -27.19 11.62
CA HIS A 61 6.23 -28.47 11.64
C HIS A 61 4.70 -28.35 11.53
N ILE A 62 4.06 -29.49 11.27
CA ILE A 62 2.65 -29.74 11.61
C ILE A 62 2.62 -31.11 12.28
N TYR A 63 2.19 -31.17 13.53
CA TYR A 63 2.06 -32.45 14.22
C TYR A 63 0.62 -32.90 14.12
N THR A 64 0.39 -34.21 14.08
CA THR A 64 -0.96 -34.75 14.21
C THR A 64 -1.04 -35.73 15.37
N VAL A 65 -2.24 -35.82 15.94
CA VAL A 65 -2.56 -36.80 16.96
C VAL A 65 -3.81 -37.52 16.52
N ASP A 66 -3.75 -38.86 16.50
CA ASP A 66 -4.94 -39.66 16.25
C ASP A 66 -5.80 -39.67 17.51
N ILE A 67 -6.88 -38.91 17.44
CA ILE A 67 -7.72 -38.60 18.58
C ILE A 67 -8.16 -39.87 19.32
N ASP A 68 -8.57 -40.85 18.53
CA ASP A 68 -9.19 -42.07 19.05
C ASP A 68 -8.20 -43.09 19.65
N THR A 69 -6.96 -43.11 19.17
CA THR A 69 -5.89 -43.94 19.75
C THR A 69 -5.84 -43.70 21.26
N SER A 70 -6.28 -44.70 22.02
CA SER A 70 -6.56 -44.57 23.46
C SER A 70 -5.66 -43.55 24.15
N HIS A 71 -6.24 -42.35 24.28
CA HIS A 71 -5.63 -41.20 24.92
C HIS A 71 -5.02 -41.64 26.25
N THR A 72 -3.70 -41.71 26.28
CA THR A 72 -2.96 -42.29 27.41
C THR A 72 -2.33 -41.21 28.30
N GLU A 73 -1.30 -41.59 29.08
CA GLU A 73 -0.56 -40.67 29.95
C GLU A 73 -0.08 -39.41 29.22
N GLU A 74 0.84 -39.58 28.27
CA GLU A 74 1.23 -38.53 27.32
C GLU A 74 0.47 -38.74 26.02
N ILE A 75 0.11 -37.66 25.36
CA ILE A 75 -0.42 -37.77 24.01
C ILE A 75 0.75 -37.80 23.04
N TYR A 76 0.79 -38.82 22.20
CA TYR A 76 1.93 -39.04 21.30
C TYR A 76 1.66 -38.61 19.87
N CYS A 77 2.73 -38.12 19.22
CA CYS A 77 2.67 -37.66 17.84
C CYS A 77 2.39 -38.82 16.89
N SER A 78 1.17 -38.86 16.35
CA SER A 78 0.76 -39.91 15.41
C SER A 78 1.60 -39.86 14.12
N LYS A 79 1.18 -39.06 13.15
CA LYS A 79 2.01 -38.74 11.98
C LYS A 79 2.68 -37.38 12.21
N LYS A 80 3.68 -37.05 11.39
CA LYS A 80 4.44 -35.81 11.54
C LYS A 80 4.47 -35.05 10.22
N LEU A 81 5.10 -33.89 10.22
CA LEU A 81 5.38 -33.13 9.02
C LEU A 81 6.58 -32.26 9.33
N THR A 82 7.41 -32.02 8.33
CA THR A 82 8.53 -31.11 8.52
C THR A 82 8.72 -30.22 7.30
N TRP A 83 8.73 -28.91 7.55
CA TRP A 83 9.02 -27.90 6.53
C TRP A 83 9.82 -26.78 7.17
N LYS A 84 11.14 -26.91 7.13
CA LYS A 84 12.04 -25.90 7.63
C LYS A 84 12.33 -24.86 6.56
N SER A 85 12.88 -23.72 6.96
CA SER A 85 13.23 -22.65 6.03
C SER A 85 14.61 -22.85 5.43
N ARG A 86 14.73 -22.65 4.11
CA ARG A 86 16.02 -22.69 3.44
C ARG A 86 16.99 -21.75 4.15
N GLN A 87 18.25 -22.18 4.28
CA GLN A 87 19.27 -21.38 4.98
C GLN A 87 19.43 -19.99 4.36
N ALA A 88 19.28 -19.93 3.04
CA ALA A 88 19.28 -18.66 2.30
C ALA A 88 18.20 -17.67 2.79
N ASP A 89 16.97 -18.17 2.92
CA ASP A 89 15.81 -17.36 3.34
C ASP A 89 15.97 -16.80 4.76
N VAL A 90 16.64 -17.57 5.62
CA VAL A 90 16.91 -17.14 6.99
C VAL A 90 17.91 -15.98 6.98
N ASP A 91 18.90 -16.06 6.10
CA ASP A 91 19.95 -15.04 6.01
C ASP A 91 19.43 -13.65 5.68
N THR A 92 18.63 -13.57 4.61
CA THR A 92 17.96 -12.34 4.21
C THR A 92 17.07 -11.81 5.35
N CYS A 93 16.34 -12.71 5.99
CA CYS A 93 15.50 -12.37 7.14
C CYS A 93 16.33 -11.69 8.23
N ARG A 94 17.30 -12.41 8.79
CA ARG A 94 18.19 -11.89 9.83
C ARG A 94 18.82 -10.56 9.40
N MET A 95 19.21 -10.49 8.12
CA MET A 95 19.86 -9.31 7.56
C MET A 95 18.96 -8.06 7.61
N LYS A 96 17.65 -8.24 7.40
CA LYS A 96 16.73 -7.10 7.45
C LYS A 96 16.50 -6.62 8.89
N GLY A 97 17.24 -7.22 9.83
CA GLY A 97 17.22 -6.79 11.22
C GLY A 97 16.13 -7.43 12.07
N LYS A 98 15.84 -8.70 11.81
CA LYS A 98 14.91 -9.47 12.61
C LYS A 98 15.68 -10.41 13.51
N HIS A 99 14.98 -10.98 14.50
CA HIS A 99 15.65 -11.81 15.50
C HIS A 99 15.81 -13.26 15.08
N LYS A 100 16.66 -13.98 15.81
CA LYS A 100 17.03 -15.34 15.47
C LYS A 100 15.80 -16.26 15.45
N ASP A 101 14.98 -16.14 16.49
CA ASP A 101 13.78 -16.95 16.66
C ASP A 101 12.58 -16.43 15.87
N GLU A 102 12.69 -15.22 15.34
CA GLU A 102 11.65 -14.67 14.47
C GLU A 102 11.74 -15.25 13.07
N CYS A 103 12.97 -15.56 12.65
CA CYS A 103 13.23 -16.07 11.31
C CYS A 103 13.24 -17.58 11.27
N HIS A 104 12.03 -18.14 11.22
CA HIS A 104 11.79 -19.57 11.05
C HIS A 104 10.52 -19.69 10.21
N ASN A 105 10.21 -20.91 9.78
CA ASN A 105 8.96 -21.14 9.07
C ASN A 105 7.86 -21.54 10.05
N PHE A 106 7.02 -20.57 10.41
CA PHE A 106 5.87 -20.80 11.28
C PHE A 106 4.65 -21.02 10.41
N ILE A 107 3.91 -22.08 10.68
CA ILE A 107 2.70 -22.40 9.91
C ILE A 107 1.51 -21.58 10.38
N LYS A 108 0.99 -20.71 9.51
CA LYS A 108 -0.11 -19.84 9.88
C LYS A 108 -1.40 -20.13 9.10
N VAL A 109 -1.26 -20.81 7.96
CA VAL A 109 -2.40 -21.25 7.18
C VAL A 109 -2.40 -22.77 7.13
N LEU A 110 -3.55 -23.39 7.44
CA LEU A 110 -3.72 -24.84 7.31
C LEU A 110 -5.17 -25.18 6.98
N LEU A 111 -5.43 -25.47 5.71
CA LEU A 111 -6.79 -25.64 5.23
C LEU A 111 -7.00 -26.92 4.44
N LYS A 112 -8.17 -27.53 4.64
CA LYS A 112 -8.56 -28.73 3.90
C LYS A 112 -9.21 -28.31 2.59
N LYS A 113 -8.49 -28.47 1.46
CA LYS A 113 -9.02 -28.15 0.13
C LYS A 113 -10.09 -29.15 -0.33
N ASN A 114 -9.79 -30.44 -0.13
CA ASN A 114 -10.71 -31.55 -0.43
C ASN A 114 -10.30 -32.76 0.43
N ASP A 115 -10.67 -33.97 -0.03
CA ASP A 115 -10.34 -35.18 0.71
C ASP A 115 -8.90 -35.67 0.51
N ASP A 116 -8.20 -35.06 -0.44
CA ASP A 116 -6.85 -35.49 -0.83
C ASP A 116 -5.79 -34.41 -0.59
N THR A 117 -6.23 -33.16 -0.54
CA THR A 117 -5.32 -32.00 -0.51
C THR A 117 -5.42 -31.19 0.79
N LEU A 118 -4.28 -31.01 1.46
CA LEU A 118 -4.12 -29.97 2.48
C LEU A 118 -3.42 -28.78 1.86
N PHE A 119 -3.84 -27.57 2.21
CA PHE A 119 -3.20 -26.37 1.71
C PHE A 119 -2.51 -25.67 2.86
N VAL A 120 -1.18 -25.67 2.84
CA VAL A 120 -0.39 -25.15 3.95
C VAL A 120 0.52 -24.00 3.53
N CYS A 121 0.43 -22.88 4.23
CA CYS A 121 1.38 -21.78 4.08
C CYS A 121 2.12 -21.56 5.38
N GLY A 122 3.23 -20.83 5.28
CA GLY A 122 4.05 -20.54 6.44
C GLY A 122 4.72 -19.20 6.31
N THR A 123 5.23 -18.69 7.43
CA THR A 123 5.97 -17.44 7.41
C THR A 123 7.21 -17.60 6.56
N ASN A 124 7.89 -18.74 6.72
CA ASN A 124 9.15 -19.02 6.00
C ASN A 124 10.13 -17.87 6.21
N ALA A 125 10.51 -17.67 7.47
CA ALA A 125 11.39 -16.58 7.87
C ALA A 125 11.09 -15.31 7.09
N PHE A 126 9.91 -14.76 7.33
CA PHE A 126 9.50 -13.49 6.76
C PHE A 126 9.62 -13.48 5.24
N ASN A 127 9.23 -14.60 4.65
CA ASN A 127 9.10 -14.74 3.20
C ASN A 127 8.03 -15.76 2.90
N PRO A 128 6.76 -15.38 3.13
CA PRO A 128 5.64 -16.32 3.12
C PRO A 128 5.51 -17.08 1.81
N SER A 129 5.18 -18.36 1.89
CA SER A 129 4.97 -19.19 0.70
C SER A 129 3.97 -20.32 0.98
N CYS A 130 3.34 -20.81 -0.08
CA CYS A 130 2.28 -21.79 0.07
C CYS A 130 2.52 -23.07 -0.71
N ARG A 131 2.26 -24.20 -0.04
CA ARG A 131 2.42 -25.52 -0.62
C ARG A 131 1.14 -26.34 -0.55
N ASN A 132 1.07 -27.38 -1.37
CA ASN A 132 0.04 -28.40 -1.20
C ASN A 132 0.67 -29.69 -0.69
N TYR A 133 -0.05 -30.37 0.20
CA TYR A 133 0.46 -31.57 0.85
C TYR A 133 -0.53 -32.72 0.71
N ARG A 134 -0.01 -33.95 0.74
CA ARG A 134 -0.83 -35.15 0.69
C ARG A 134 -1.56 -35.32 2.02
N VAL A 135 -2.89 -35.48 1.97
CA VAL A 135 -3.70 -35.60 3.19
C VAL A 135 -3.29 -36.78 4.07
N ASP A 136 -2.68 -37.79 3.43
CA ASP A 136 -2.40 -39.09 4.04
C ASP A 136 -1.03 -39.20 4.70
N THR A 137 0.02 -38.99 3.91
CA THR A 137 1.41 -39.22 4.35
C THR A 137 2.10 -37.91 4.73
N LEU A 138 1.44 -36.79 4.41
CA LEU A 138 1.96 -35.44 4.66
C LEU A 138 3.29 -35.19 3.96
N GLU A 139 3.43 -35.73 2.76
CA GLU A 139 4.57 -35.45 1.89
C GLU A 139 4.14 -34.39 0.89
N THR A 140 5.00 -33.40 0.68
CA THR A 140 4.70 -32.29 -0.22
C THR A 140 4.57 -32.73 -1.68
N PHE A 141 3.82 -31.95 -2.47
CA PHE A 141 3.78 -32.14 -3.92
C PHE A 141 3.43 -30.86 -4.67
N GLY A 142 3.87 -30.78 -5.92
CA GLY A 142 3.63 -29.61 -6.76
C GLY A 142 4.56 -28.45 -6.45
N ASP A 143 4.48 -27.41 -7.28
CA ASP A 143 5.28 -26.21 -7.10
C ASP A 143 4.74 -25.36 -5.96
N GLU A 144 5.64 -24.68 -5.24
CA GLU A 144 5.24 -23.70 -4.23
C GLU A 144 4.85 -22.40 -4.91
N PHE A 145 3.69 -21.85 -4.54
CA PHE A 145 3.34 -20.47 -4.95
C PHE A 145 3.47 -19.46 -3.82
N SER A 146 3.33 -18.18 -4.19
CA SER A 146 3.55 -17.04 -3.30
C SER A 146 2.66 -17.08 -2.05
N GLY A 147 3.20 -16.56 -0.95
CA GLY A 147 2.46 -16.42 0.30
C GLY A 147 2.03 -14.98 0.57
N MET A 148 2.32 -14.10 -0.37
CA MET A 148 1.90 -12.71 -0.31
C MET A 148 0.40 -12.63 -0.19
N ALA A 149 -0.09 -11.86 0.78
CA ALA A 149 -1.52 -11.65 0.98
C ALA A 149 -2.31 -12.95 1.19
N ARG A 150 -1.59 -14.04 1.49
CA ARG A 150 -2.20 -15.31 1.83
C ARG A 150 -1.82 -15.68 3.24
N CYS A 151 -0.58 -15.35 3.60
CA CYS A 151 -0.02 -15.68 4.88
C CYS A 151 0.79 -14.49 5.38
N PRO A 152 0.82 -14.29 6.71
CA PRO A 152 1.60 -13.19 7.29
C PRO A 152 3.10 -13.40 7.17
N TYR A 153 3.85 -12.32 7.31
CA TYR A 153 5.30 -12.41 7.36
C TYR A 153 5.69 -12.76 8.79
N ASP A 154 5.13 -12.02 9.74
CA ASP A 154 5.43 -12.24 11.15
C ASP A 154 4.59 -13.38 11.70
N ALA A 155 5.19 -14.18 12.57
CA ALA A 155 4.51 -15.29 13.22
C ALA A 155 3.44 -14.81 14.18
N LYS A 156 3.57 -13.56 14.60
CA LYS A 156 2.76 -13.00 15.67
C LYS A 156 1.47 -12.39 15.19
N HIS A 157 1.44 -11.93 13.95
CA HIS A 157 0.26 -11.31 13.36
C HIS A 157 -0.90 -12.31 13.28
N ALA A 158 -2.12 -11.81 13.34
CA ALA A 158 -3.30 -12.66 13.15
C ALA A 158 -3.75 -12.59 11.68
N ASN A 159 -4.28 -13.71 11.17
CA ASN A 159 -4.57 -13.82 9.74
C ASN A 159 -5.86 -14.57 9.44
N ILE A 160 -6.48 -14.23 8.31
CA ILE A 160 -7.70 -14.91 7.90
C ILE A 160 -7.42 -15.78 6.67
N ALA A 161 -7.68 -17.07 6.83
CA ALA A 161 -7.51 -18.04 5.75
C ALA A 161 -8.76 -18.89 5.65
N LEU A 162 -9.43 -18.81 4.51
CA LEU A 162 -10.69 -19.50 4.32
C LEU A 162 -10.89 -19.98 2.90
N PHE A 163 -11.12 -21.28 2.78
CA PHE A 163 -11.51 -21.88 1.50
C PHE A 163 -13.02 -21.96 1.39
N ALA A 164 -13.55 -21.36 0.33
CA ALA A 164 -14.96 -21.40 0.05
C ALA A 164 -15.19 -21.40 -1.45
N ASP A 165 -15.77 -22.49 -1.94
CA ASP A 165 -16.03 -22.66 -3.37
C ASP A 165 -14.69 -22.82 -4.12
N GLY A 166 -13.74 -23.50 -3.48
CA GLY A 166 -12.40 -23.73 -4.04
C GLY A 166 -11.52 -22.50 -4.27
N LYS A 167 -12.01 -21.34 -3.82
CA LYS A 167 -11.27 -20.08 -3.87
C LYS A 167 -10.72 -19.78 -2.49
N LEU A 168 -9.57 -19.11 -2.46
CA LEU A 168 -8.94 -18.71 -1.20
C LEU A 168 -9.23 -17.25 -0.85
N TYR A 169 -10.09 -17.10 0.16
CA TYR A 169 -10.36 -15.80 0.74
C TYR A 169 -9.38 -15.64 1.88
N SER A 170 -8.54 -14.60 1.80
CA SER A 170 -7.51 -14.34 2.80
C SER A 170 -7.42 -12.87 3.18
N ALA A 171 -7.02 -12.63 4.42
CA ALA A 171 -6.79 -11.28 4.91
C ALA A 171 -5.56 -11.25 5.79
N THR A 172 -4.60 -10.43 5.38
CA THR A 172 -3.37 -10.17 6.13
C THR A 172 -2.57 -9.02 5.46
N VAL A 173 -1.25 -9.05 5.57
CA VAL A 173 -0.41 -8.01 4.96
C VAL A 173 0.41 -8.48 3.74
N THR A 174 0.62 -7.57 2.80
CA THR A 174 1.28 -7.90 1.55
C THR A 174 2.78 -7.69 1.61
N ASP A 175 3.22 -6.87 2.56
CA ASP A 175 4.61 -6.40 2.59
C ASP A 175 5.34 -6.82 3.86
N PHE A 176 6.66 -6.81 3.79
CA PHE A 176 7.51 -7.12 4.94
C PHE A 176 7.23 -6.14 6.06
N LEU A 177 7.22 -4.85 5.73
CA LEU A 177 6.98 -3.77 6.69
C LEU A 177 5.59 -3.81 7.34
N ALA A 178 4.67 -4.56 6.72
CA ALA A 178 3.30 -4.72 7.22
C ALA A 178 2.51 -3.41 7.27
N ILE A 179 2.81 -2.49 6.36
CA ILE A 179 2.02 -1.28 6.18
C ILE A 179 0.71 -1.66 5.54
N ASP A 180 0.79 -2.31 4.38
CA ASP A 180 -0.35 -2.59 3.52
C ASP A 180 -1.13 -3.86 3.87
N ALA A 181 -2.25 -3.68 4.57
CA ALA A 181 -3.14 -4.77 4.92
C ALA A 181 -4.22 -4.88 3.86
N VAL A 182 -4.70 -6.10 3.63
CA VAL A 182 -5.66 -6.36 2.57
C VAL A 182 -6.55 -7.56 2.87
N ILE A 183 -7.75 -7.54 2.31
CA ILE A 183 -8.60 -8.73 2.20
C ILE A 183 -8.54 -9.18 0.74
N TYR A 184 -8.03 -10.40 0.53
CA TYR A 184 -7.62 -10.86 -0.79
C TYR A 184 -8.34 -12.14 -1.18
N ARG A 185 -8.76 -12.21 -2.45
CA ARG A 185 -9.24 -13.48 -3.00
C ARG A 185 -8.45 -13.92 -4.23
N SER A 186 -7.81 -15.08 -4.10
CA SER A 186 -6.98 -15.65 -5.14
C SER A 186 -7.38 -17.10 -5.38
N LEU A 187 -6.87 -17.67 -6.48
CA LEU A 187 -7.04 -19.10 -6.84
C LEU A 187 -8.47 -19.48 -7.29
N GLY A 188 -8.58 -20.70 -7.84
CA GLY A 188 -9.87 -21.26 -8.24
C GLY A 188 -10.43 -20.76 -9.57
N ASP A 189 -9.53 -20.54 -10.53
CA ASP A 189 -9.91 -20.09 -11.90
C ASP A 189 -10.74 -18.81 -11.97
N SER A 190 -10.79 -18.08 -10.85
CA SER A 190 -11.53 -16.81 -10.76
C SER A 190 -10.54 -15.65 -10.61
N PRO A 191 -10.78 -14.55 -11.37
CA PRO A 191 -9.85 -13.41 -11.37
C PRO A 191 -9.63 -12.88 -9.95
N THR A 192 -8.47 -12.27 -9.72
CA THR A 192 -8.02 -11.97 -8.35
C THR A 192 -8.41 -10.58 -7.84
N LEU A 193 -8.96 -10.56 -6.61
CA LEU A 193 -9.55 -9.35 -6.05
C LEU A 193 -8.92 -8.94 -4.73
N ARG A 194 -8.65 -7.64 -4.62
CA ARG A 194 -8.07 -7.03 -3.41
C ARG A 194 -8.92 -5.87 -2.94
N THR A 195 -8.74 -5.46 -1.69
CA THR A 195 -9.30 -4.20 -1.18
C THR A 195 -8.38 -3.05 -1.59
N VAL A 196 -8.95 -1.91 -1.92
CA VAL A 196 -8.19 -0.75 -2.43
C VAL A 196 -6.99 -0.42 -1.52
N LYS A 197 -5.80 -0.37 -2.12
CA LYS A 197 -4.56 -0.11 -1.38
C LYS A 197 -4.49 1.34 -0.92
N HIS A 198 -3.89 1.55 0.26
CA HIS A 198 -3.85 2.87 0.92
C HIS A 198 -5.18 3.61 0.79
N ASP A 199 -6.23 2.97 1.29
CA ASP A 199 -7.54 3.60 1.46
C ASP A 199 -8.12 3.19 2.81
N SER A 200 -8.09 4.15 3.72
CA SER A 200 -8.50 3.95 5.10
C SER A 200 -10.02 4.06 5.27
N LYS A 201 -10.70 4.55 4.24
CA LYS A 201 -12.15 4.45 4.18
C LYS A 201 -12.51 2.98 4.15
N TRP A 202 -11.69 2.20 3.44
CA TRP A 202 -11.86 0.75 3.29
C TRP A 202 -11.29 -0.04 4.47
N LEU A 203 -9.97 0.04 4.63
CA LEU A 203 -9.30 -0.56 5.79
C LEU A 203 -8.35 0.45 6.43
N LYS A 204 -8.53 0.69 7.71
CA LYS A 204 -7.58 1.53 8.45
C LYS A 204 -6.91 0.71 9.55
N GLU A 205 -5.70 0.25 9.26
CA GLU A 205 -4.89 -0.50 10.22
C GLU A 205 -5.68 -1.59 10.93
N PRO A 206 -6.20 -2.57 10.17
CA PRO A 206 -7.05 -3.59 10.73
C PRO A 206 -6.29 -4.71 11.40
N TYR A 207 -6.96 -5.41 12.31
CA TYR A 207 -6.46 -6.63 12.96
C TYR A 207 -7.51 -7.69 12.66
N PHE A 208 -7.15 -8.67 11.84
CA PHE A 208 -8.09 -9.69 11.35
C PHE A 208 -8.27 -10.84 12.33
N VAL A 209 -9.52 -11.17 12.65
CA VAL A 209 -9.81 -12.11 13.72
C VAL A 209 -10.42 -13.43 13.24
N GLN A 210 -11.21 -13.37 12.18
CA GLN A 210 -12.00 -14.52 11.75
C GLN A 210 -12.89 -14.18 10.57
N ALA A 211 -13.18 -15.18 9.76
CA ALA A 211 -14.10 -15.03 8.65
C ALA A 211 -14.91 -16.30 8.52
N VAL A 212 -16.10 -16.20 7.95
CA VAL A 212 -16.96 -17.36 7.86
C VAL A 212 -17.82 -17.38 6.57
N ASP A 213 -18.23 -18.59 6.20
CA ASP A 213 -19.03 -18.88 5.02
C ASP A 213 -20.49 -19.06 5.44
N TYR A 214 -21.38 -18.29 4.81
CA TYR A 214 -22.81 -18.25 5.16
C TYR A 214 -23.61 -17.48 4.10
N GLY A 215 -24.35 -18.20 3.26
CA GLY A 215 -25.13 -17.58 2.20
C GLY A 215 -24.27 -17.14 1.03
N ASP A 216 -24.77 -16.19 0.24
CA ASP A 216 -24.04 -15.69 -0.93
C ASP A 216 -22.82 -14.83 -0.54
N TYR A 217 -22.45 -14.87 0.74
CA TYR A 217 -21.48 -13.93 1.30
C TYR A 217 -20.42 -14.59 2.17
N ILE A 218 -19.26 -13.93 2.24
CA ILE A 218 -18.27 -14.24 3.27
C ILE A 218 -18.24 -13.05 4.24
N TYR A 219 -18.18 -13.35 5.53
CA TYR A 219 -18.21 -12.32 6.57
C TYR A 219 -16.91 -12.27 7.37
N PHE A 220 -16.10 -11.23 7.13
CA PHE A 220 -14.86 -11.04 7.86
C PHE A 220 -15.10 -10.23 9.12
N PHE A 221 -14.57 -10.73 10.23
CA PHE A 221 -14.62 -10.02 11.51
C PHE A 221 -13.23 -9.54 11.85
N PHE A 222 -13.06 -8.23 11.85
CA PHE A 222 -11.80 -7.62 12.23
C PHE A 222 -12.04 -6.44 13.18
N ARG A 223 -11.00 -5.68 13.46
CA ARG A 223 -11.14 -4.40 14.16
C ARG A 223 -10.21 -3.38 13.53
N GLU A 224 -10.61 -2.13 13.50
CA GLU A 224 -9.80 -1.12 12.83
C GLU A 224 -9.80 0.19 13.60
N ILE A 225 -8.92 1.10 13.21
CA ILE A 225 -8.98 2.46 13.68
C ILE A 225 -10.22 3.10 13.04
N ALA A 226 -11.15 3.53 13.88
CA ALA A 226 -12.46 4.00 13.46
C ALA A 226 -12.38 5.39 12.84
N VAL A 227 -12.92 5.52 11.63
CA VAL A 227 -12.92 6.81 10.94
C VAL A 227 -14.10 7.72 11.31
N GLU A 228 -15.12 7.17 11.95
CA GLU A 228 -16.29 7.95 12.37
C GLU A 228 -15.95 8.76 13.62
N TYR A 229 -15.36 8.07 14.59
CA TYR A 229 -15.23 8.55 15.94
C TYR A 229 -13.81 9.05 16.22
N ASN A 230 -13.02 9.23 15.16
CA ASN A 230 -11.67 9.81 15.29
C ASN A 230 -11.74 11.34 15.44
N THR A 231 -12.97 11.86 15.41
CA THR A 231 -13.28 13.24 15.77
C THR A 231 -12.40 13.72 16.94
N MET A 232 -12.10 12.80 17.86
CA MET A 232 -11.18 13.04 18.98
C MET A 232 -10.26 11.84 19.15
N GLY A 233 -8.96 12.06 18.94
CA GLY A 233 -7.92 11.05 19.14
C GLY A 233 -8.04 9.84 18.22
N LYS A 234 -7.53 8.69 18.66
CA LYS A 234 -7.71 7.45 17.91
C LYS A 234 -8.59 6.46 18.67
N VAL A 235 -9.66 6.01 18.01
CA VAL A 235 -10.57 5.01 18.61
C VAL A 235 -10.61 3.74 17.75
N VAL A 236 -10.68 2.59 18.41
CA VAL A 236 -10.72 1.30 17.74
C VAL A 236 -12.17 0.79 17.72
N PHE A 237 -12.60 0.28 16.57
CA PHE A 237 -13.93 -0.31 16.46
C PHE A 237 -13.85 -1.74 15.94
N PRO A 238 -14.68 -2.65 16.50
CA PRO A 238 -14.84 -3.97 15.90
C PRO A 238 -15.72 -3.87 14.66
N ARG A 239 -15.45 -4.68 13.65
CA ARG A 239 -16.20 -4.58 12.41
C ARG A 239 -16.66 -5.94 11.90
N VAL A 240 -17.72 -5.93 11.11
CA VAL A 240 -18.09 -7.09 10.31
C VAL A 240 -18.31 -6.63 8.87
N ALA A 241 -17.72 -7.35 7.94
CA ALA A 241 -17.74 -6.96 6.54
C ALA A 241 -18.20 -8.12 5.68
N GLN A 242 -18.85 -7.80 4.57
CA GLN A 242 -19.36 -8.80 3.65
C GLN A 242 -18.68 -8.73 2.29
N VAL A 243 -18.49 -9.88 1.67
CA VAL A 243 -18.14 -9.93 0.25
C VAL A 243 -19.01 -10.97 -0.44
N CYS A 244 -19.44 -10.65 -1.66
CA CYS A 244 -20.19 -11.59 -2.48
C CYS A 244 -19.28 -12.69 -3.04
N LYS A 245 -19.64 -13.95 -2.79
CA LYS A 245 -18.88 -15.09 -3.30
C LYS A 245 -18.74 -15.04 -4.82
N ASN A 246 -19.72 -14.41 -5.47
CA ASN A 246 -19.74 -14.23 -6.92
C ASN A 246 -19.17 -12.88 -7.38
N ASP A 247 -18.25 -12.33 -6.60
CA ASP A 247 -17.65 -11.04 -6.97
C ASP A 247 -16.61 -11.26 -8.06
N MET A 248 -16.63 -10.41 -9.08
CA MET A 248 -15.76 -10.57 -10.23
C MET A 248 -14.98 -9.29 -10.51
N GLY A 249 -15.12 -8.30 -9.65
CA GLY A 249 -14.39 -7.05 -9.81
C GLY A 249 -15.14 -6.09 -10.70
N GLY A 250 -14.77 -4.82 -10.64
CA GLY A 250 -15.51 -3.73 -11.29
C GLY A 250 -15.43 -3.68 -12.80
N SER A 251 -15.71 -2.50 -13.35
CA SER A 251 -15.70 -2.32 -14.80
C SER A 251 -14.30 -2.07 -15.33
N GLN A 252 -14.16 -1.05 -16.15
CA GLN A 252 -12.86 -0.65 -16.66
C GLN A 252 -12.50 0.72 -16.11
N ARG A 253 -13.50 1.43 -15.60
CA ARG A 253 -13.33 2.77 -15.06
C ARG A 253 -13.20 2.75 -13.54
N VAL A 254 -13.94 1.83 -12.91
CA VAL A 254 -14.01 1.78 -11.46
C VAL A 254 -13.73 0.36 -10.95
N LEU A 255 -12.89 0.26 -9.92
CA LEU A 255 -12.70 -0.97 -9.13
C LEU A 255 -12.35 -2.24 -9.92
N GLU A 256 -11.68 -2.09 -11.07
CA GLU A 256 -11.18 -3.26 -11.81
C GLU A 256 -10.16 -4.00 -10.97
N LYS A 257 -10.39 -5.30 -10.79
CA LYS A 257 -9.53 -6.14 -9.94
C LYS A 257 -9.66 -5.82 -8.43
N GLN A 258 -10.79 -5.24 -8.04
CA GLN A 258 -11.07 -4.90 -6.65
C GLN A 258 -12.53 -5.15 -6.29
N TRP A 259 -12.76 -5.66 -5.08
CA TRP A 259 -14.11 -5.98 -4.59
C TRP A 259 -15.20 -4.95 -4.95
N THR A 260 -16.36 -5.47 -5.34
CA THR A 260 -17.52 -4.65 -5.66
C THR A 260 -18.67 -4.96 -4.71
N SER A 261 -18.36 -5.62 -3.60
CA SER A 261 -19.37 -6.01 -2.64
C SER A 261 -18.84 -5.85 -1.21
N PHE A 262 -17.80 -5.03 -1.05
CA PHE A 262 -17.23 -4.76 0.27
C PHE A 262 -17.99 -3.66 1.00
N LEU A 263 -18.77 -4.08 1.99
CA LEU A 263 -19.35 -3.17 2.97
C LEU A 263 -18.97 -3.68 4.36
N LYS A 264 -18.67 -2.75 5.26
CA LYS A 264 -18.34 -3.08 6.66
C LYS A 264 -19.30 -2.36 7.59
N ALA A 265 -19.43 -2.85 8.82
CA ALA A 265 -20.28 -2.20 9.81
C ALA A 265 -19.72 -2.42 11.20
N ARG A 266 -19.85 -1.40 12.05
CA ARG A 266 -19.45 -1.49 13.44
C ARG A 266 -20.30 -2.53 14.15
N LEU A 267 -19.69 -3.34 15.01
CA LEU A 267 -20.47 -4.22 15.88
C LEU A 267 -20.76 -3.47 17.18
N ASN A 268 -21.87 -3.82 17.83
CA ASN A 268 -22.28 -3.19 19.07
C ASN A 268 -22.18 -4.20 20.20
N CYS A 269 -21.09 -4.14 20.97
CA CYS A 269 -21.00 -4.94 22.18
C CYS A 269 -20.79 -4.05 23.38
N SER A 270 -21.89 -3.75 24.08
CA SER A 270 -21.89 -2.80 25.20
C SER A 270 -22.88 -3.14 26.30
N VAL A 271 -22.63 -2.60 27.49
CA VAL A 271 -23.61 -2.55 28.58
C VAL A 271 -24.28 -1.18 28.53
N PRO A 272 -25.59 -1.14 28.23
CA PRO A 272 -26.21 0.18 28.02
C PRO A 272 -26.43 0.93 29.33
N GLY A 273 -26.26 2.24 29.27
CA GLY A 273 -26.53 3.15 30.38
C GLY A 273 -27.08 4.44 29.81
N ASP A 274 -27.07 5.53 30.60
CA ASP A 274 -27.39 6.85 30.06
C ASP A 274 -26.30 7.20 29.05
N SER A 275 -25.08 6.81 29.38
CA SER A 275 -23.98 6.68 28.42
C SER A 275 -23.48 5.23 28.49
N HIS A 276 -23.47 4.56 27.35
CA HIS A 276 -23.17 3.11 27.28
C HIS A 276 -21.68 2.84 27.26
N PHE A 277 -21.28 1.80 27.97
CA PHE A 277 -19.90 1.37 28.06
C PHE A 277 -19.62 0.26 27.05
N TYR A 278 -18.83 0.59 26.02
CA TYR A 278 -18.55 -0.35 24.93
C TYR A 278 -17.34 -1.25 25.19
N PHE A 279 -17.36 -2.42 24.54
CA PHE A 279 -16.22 -3.31 24.43
C PHE A 279 -15.83 -3.33 22.95
N ASN A 280 -14.60 -2.94 22.64
CA ASN A 280 -14.22 -2.73 21.24
C ASN A 280 -13.14 -3.65 20.71
N ILE A 281 -12.29 -4.13 21.60
CA ILE A 281 -11.14 -4.92 21.21
C ILE A 281 -11.56 -6.39 21.02
N LEU A 282 -12.06 -6.67 19.82
CA LEU A 282 -12.46 -8.00 19.41
C LEU A 282 -11.27 -8.96 19.47
N GLN A 283 -11.44 -10.10 20.12
CA GLN A 283 -10.36 -11.09 20.28
C GLN A 283 -10.63 -12.37 19.49
N ALA A 284 -11.90 -12.75 19.37
CA ALA A 284 -12.27 -14.01 18.73
C ALA A 284 -13.72 -14.03 18.25
N VAL A 285 -13.95 -14.62 17.08
CA VAL A 285 -15.30 -14.90 16.61
C VAL A 285 -15.34 -16.38 16.26
N THR A 286 -16.45 -17.04 16.56
CA THR A 286 -16.63 -18.46 16.22
C THR A 286 -17.13 -18.61 14.80
N ASP A 287 -17.21 -19.85 14.32
CA ASP A 287 -17.92 -20.16 13.08
C ASP A 287 -19.41 -20.00 13.35
N VAL A 288 -20.23 -19.99 12.29
CA VAL A 288 -21.68 -19.90 12.46
C VAL A 288 -22.16 -21.11 13.25
N ILE A 289 -23.04 -20.88 14.22
CA ILE A 289 -23.63 -21.97 14.99
C ILE A 289 -25.15 -21.79 15.10
N ARG A 290 -25.84 -22.88 15.43
CA ARG A 290 -27.28 -22.86 15.68
C ARG A 290 -27.51 -22.91 17.18
N ILE A 291 -28.15 -21.86 17.70
CA ILE A 291 -28.60 -21.82 19.11
C ILE A 291 -30.03 -21.27 19.13
N ASN A 292 -30.94 -22.02 19.75
CA ASN A 292 -32.38 -21.68 19.78
C ASN A 292 -32.95 -21.38 18.41
N GLY A 293 -32.62 -22.25 17.45
CA GLY A 293 -33.09 -22.12 16.06
C GLY A 293 -32.68 -20.82 15.39
N ARG A 294 -31.54 -20.28 15.82
CA ARG A 294 -30.96 -19.09 15.19
C ARG A 294 -29.53 -19.38 14.74
N ASP A 295 -29.18 -18.87 13.55
CA ASP A 295 -27.81 -18.91 13.09
C ASP A 295 -27.05 -17.73 13.70
N VAL A 296 -26.08 -18.04 14.55
CA VAL A 296 -25.38 -17.02 15.33
C VAL A 296 -23.87 -17.19 15.31
N VAL A 297 -23.16 -16.11 15.63
CA VAL A 297 -21.72 -16.19 15.94
C VAL A 297 -21.54 -15.64 17.34
N LEU A 298 -20.48 -16.08 18.01
CA LEU A 298 -20.14 -15.56 19.32
C LEU A 298 -18.78 -14.88 19.30
N ALA A 299 -18.75 -13.64 19.76
CA ALA A 299 -17.51 -12.89 19.83
C ALA A 299 -17.13 -12.50 21.26
N THR A 300 -15.83 -12.58 21.54
CA THR A 300 -15.28 -12.04 22.78
C THR A 300 -14.70 -10.66 22.46
N PHE A 301 -14.75 -9.73 23.41
CA PHE A 301 -14.15 -8.40 23.23
C PHE A 301 -13.38 -8.03 24.50
N SER A 302 -12.78 -6.85 24.52
CA SER A 302 -12.16 -6.34 25.74
C SER A 302 -11.92 -4.83 25.66
N THR A 303 -11.62 -4.24 26.81
CA THR A 303 -11.26 -2.82 26.88
C THR A 303 -9.89 -2.61 26.24
N PRO A 304 -9.66 -1.42 25.68
CA PRO A 304 -8.35 -1.04 25.16
C PRO A 304 -7.22 -1.29 26.17
N TYR A 305 -6.04 -1.64 25.65
CA TYR A 305 -4.92 -2.06 26.50
C TYR A 305 -4.65 -1.06 27.61
N ASN A 306 -4.62 0.22 27.23
CA ASN A 306 -4.52 1.28 28.22
C ASN A 306 -5.90 1.69 28.73
N SER A 307 -6.41 0.92 29.67
CA SER A 307 -7.69 1.19 30.35
C SER A 307 -7.88 0.15 31.46
N ILE A 308 -8.91 0.34 32.28
CA ILE A 308 -9.22 -0.64 33.32
C ILE A 308 -9.73 -1.91 32.64
N PRO A 309 -9.11 -3.05 32.97
CA PRO A 309 -9.32 -4.31 32.28
C PRO A 309 -10.70 -4.94 32.43
N GLY A 310 -11.39 -5.07 31.31
CA GLY A 310 -12.66 -5.79 31.23
C GLY A 310 -12.79 -6.54 29.92
N SER A 311 -13.60 -7.60 29.93
CA SER A 311 -13.86 -8.43 28.75
C SER A 311 -15.33 -8.81 28.72
N ALA A 312 -15.90 -8.89 27.52
CA ALA A 312 -17.28 -9.29 27.34
C ALA A 312 -17.40 -10.37 26.27
N VAL A 313 -18.51 -11.10 26.30
CA VAL A 313 -18.85 -12.01 25.21
C VAL A 313 -20.21 -11.62 24.66
N CYS A 314 -20.23 -11.23 23.39
CA CYS A 314 -21.45 -10.80 22.75
C CYS A 314 -21.79 -11.79 21.64
N ALA A 315 -23.08 -12.05 21.44
CA ALA A 315 -23.51 -12.98 20.38
C ALA A 315 -24.27 -12.25 19.29
N TYR A 316 -24.14 -12.73 18.04
CA TYR A 316 -24.69 -12.03 16.89
C TYR A 316 -25.52 -12.94 15.98
N ASP A 317 -26.78 -12.57 15.77
CA ASP A 317 -27.65 -13.29 14.85
C ASP A 317 -27.30 -12.96 13.40
N MET A 318 -26.92 -13.99 12.65
CA MET A 318 -26.46 -13.82 11.27
C MET A 318 -27.44 -13.09 10.37
N LEU A 319 -28.71 -13.06 10.78
CA LEU A 319 -29.76 -12.35 10.03
C LEU A 319 -29.68 -10.84 10.27
N ASP A 320 -29.37 -10.46 11.51
CA ASP A 320 -29.21 -9.06 11.91
C ASP A 320 -27.98 -8.47 11.23
N ILE A 321 -26.95 -9.30 11.08
CA ILE A 321 -25.73 -8.92 10.38
C ILE A 321 -26.10 -8.58 8.94
N ALA A 322 -26.86 -9.46 8.31
CA ALA A 322 -27.36 -9.23 6.97
C ALA A 322 -28.24 -7.97 6.92
N ASN A 323 -29.08 -7.81 7.93
CA ASN A 323 -30.00 -6.68 8.02
C ASN A 323 -29.36 -5.30 8.02
N VAL A 324 -28.12 -5.24 8.52
CA VAL A 324 -27.39 -3.99 8.65
C VAL A 324 -26.88 -3.53 7.28
N PHE A 325 -26.57 -4.50 6.42
CA PHE A 325 -26.10 -4.19 5.08
C PHE A 325 -27.22 -3.80 4.11
N THR A 326 -28.46 -3.97 4.55
CA THR A 326 -29.62 -3.53 3.76
C THR A 326 -30.08 -2.15 4.18
N GLY A 327 -29.52 -1.66 5.29
CA GLY A 327 -29.88 -0.36 5.86
C GLY A 327 -29.34 0.84 5.09
N ARG A 328 -28.91 1.85 5.83
CA ARG A 328 -28.40 3.08 5.24
C ARG A 328 -26.89 3.15 5.40
N PHE A 329 -26.24 3.78 4.44
CA PHE A 329 -24.79 3.94 4.44
C PHE A 329 -24.40 5.17 5.26
N LYS A 330 -23.11 5.37 5.51
CA LYS A 330 -22.62 6.62 6.11
C LYS A 330 -21.96 7.48 5.05
N GLU A 331 -21.81 8.77 5.34
CA GLU A 331 -21.05 9.68 4.48
C GLU A 331 -20.56 10.91 5.25
N GLN A 332 -19.50 11.52 4.73
CA GLN A 332 -18.89 12.67 5.36
C GLN A 332 -18.94 13.83 4.37
N LYS A 333 -20.01 14.61 4.42
CA LYS A 333 -20.26 15.73 3.46
C LYS A 333 -19.04 16.66 3.24
N SER A 334 -18.80 17.60 4.16
CA SER A 334 -17.57 18.36 4.17
C SER A 334 -16.47 17.47 4.77
N PRO A 335 -15.27 17.46 4.16
CA PRO A 335 -14.14 16.66 4.66
C PRO A 335 -13.87 16.82 6.16
N ASP A 336 -14.48 17.84 6.77
CA ASP A 336 -14.37 18.08 8.21
C ASP A 336 -15.67 17.84 8.99
N SER A 337 -16.78 17.62 8.28
CA SER A 337 -18.07 17.44 8.95
C SER A 337 -18.26 16.04 9.56
N THR A 338 -19.27 15.90 10.40
CA THR A 338 -19.55 14.63 11.09
C THR A 338 -20.18 13.61 10.14
N TRP A 339 -20.31 12.38 10.62
CA TRP A 339 -20.82 11.28 9.80
C TRP A 339 -22.34 11.15 9.85
N THR A 340 -22.98 11.56 8.76
CA THR A 340 -24.43 11.54 8.63
C THR A 340 -24.87 10.29 7.87
N PRO A 341 -26.05 9.72 8.21
CA PRO A 341 -26.65 8.70 7.36
C PRO A 341 -26.92 9.19 5.94
N VAL A 342 -27.12 8.25 5.02
CA VAL A 342 -27.39 8.58 3.62
C VAL A 342 -28.88 8.41 3.34
N PRO A 343 -29.54 9.47 2.84
CA PRO A 343 -30.93 9.39 2.44
C PRO A 343 -31.03 8.52 1.18
N ASP A 344 -32.00 7.59 1.16
CA ASP A 344 -32.10 6.60 0.09
C ASP A 344 -32.23 7.22 -1.31
N GLU A 345 -32.58 8.52 -1.34
CA GLU A 345 -32.72 9.29 -2.58
C GLU A 345 -31.45 9.27 -3.43
N ARG A 346 -30.29 9.21 -2.78
CA ARG A 346 -29.01 9.26 -3.49
C ARG A 346 -28.29 7.93 -3.66
N VAL A 347 -28.78 6.89 -2.98
CA VAL A 347 -28.34 5.52 -3.23
C VAL A 347 -28.78 5.16 -4.66
N PRO A 348 -27.82 4.80 -5.52
CA PRO A 348 -28.21 4.46 -6.88
C PRO A 348 -28.72 3.02 -7.00
N LYS A 349 -29.33 2.73 -8.14
CA LYS A 349 -29.75 1.37 -8.50
C LYS A 349 -28.91 0.91 -9.71
N PRO A 350 -28.47 -0.36 -9.72
CA PRO A 350 -28.65 -1.42 -8.72
C PRO A 350 -28.00 -1.12 -7.38
N ARG A 351 -28.54 -1.70 -6.32
CA ARG A 351 -28.05 -1.50 -4.95
C ARG A 351 -26.57 -1.86 -4.80
N PRO A 352 -25.77 -0.90 -4.29
CA PRO A 352 -24.36 -1.14 -4.00
C PRO A 352 -24.20 -2.27 -3.00
N GLY A 353 -23.39 -3.26 -3.35
CA GLY A 353 -23.12 -4.36 -2.43
C GLY A 353 -24.19 -5.42 -2.41
N CYS A 354 -25.16 -5.30 -3.32
CA CYS A 354 -26.07 -6.40 -3.61
C CYS A 354 -25.37 -7.29 -4.64
N CYS A 355 -25.39 -8.60 -4.40
CA CYS A 355 -24.71 -9.56 -5.26
C CYS A 355 -25.17 -9.50 -6.72
N ALA A 356 -24.25 -9.74 -7.64
CA ALA A 356 -24.58 -9.85 -9.05
C ALA A 356 -25.32 -11.16 -9.31
N GLY A 357 -26.63 -11.06 -9.54
CA GLY A 357 -27.47 -12.23 -9.77
C GLY A 357 -28.41 -12.52 -8.60
N SER A 358 -29.30 -11.58 -8.31
CA SER A 358 -30.29 -11.74 -7.25
C SER A 358 -31.59 -10.99 -7.60
N SER A 359 -32.48 -10.85 -6.62
CA SER A 359 -33.72 -10.09 -6.78
C SER A 359 -33.46 -8.78 -7.54
N SER A 360 -34.00 -8.70 -8.76
CA SER A 360 -33.81 -7.57 -9.70
C SER A 360 -32.40 -7.47 -10.33
N LEU A 361 -31.41 -8.00 -9.63
CA LEU A 361 -30.02 -7.94 -10.08
C LEU A 361 -29.55 -9.19 -10.84
N GLU A 362 -30.51 -10.03 -11.25
CA GLU A 362 -30.25 -11.13 -12.20
C GLU A 362 -30.15 -10.59 -13.63
N LYS A 363 -30.57 -9.34 -13.82
CA LYS A 363 -30.37 -8.59 -15.07
C LYS A 363 -28.88 -8.26 -15.29
N TYR A 364 -28.07 -8.50 -14.25
CA TYR A 364 -26.62 -8.33 -14.33
C TYR A 364 -25.95 -9.70 -14.21
N ALA A 365 -25.34 -10.14 -15.30
CA ALA A 365 -24.74 -11.48 -15.38
C ALA A 365 -23.46 -11.62 -14.56
N THR A 366 -22.57 -10.64 -14.70
CA THR A 366 -21.32 -10.60 -13.95
C THR A 366 -21.12 -9.20 -13.38
N SER A 367 -20.38 -9.11 -12.27
CA SER A 367 -20.18 -7.84 -11.58
C SER A 367 -19.49 -6.76 -12.43
N ASN A 368 -18.85 -7.17 -13.52
CA ASN A 368 -18.20 -6.26 -14.47
C ASN A 368 -19.18 -5.32 -15.18
N GLU A 369 -20.45 -5.70 -15.17
CA GLU A 369 -21.48 -4.96 -15.91
C GLU A 369 -22.11 -3.85 -15.08
N PHE A 370 -21.81 -3.82 -13.78
CA PHE A 370 -22.34 -2.78 -12.88
C PHE A 370 -22.04 -1.38 -13.41
N PRO A 371 -23.03 -0.48 -13.34
CA PRO A 371 -22.83 0.87 -13.87
C PRO A 371 -21.80 1.64 -13.05
N ASP A 372 -21.42 2.83 -13.51
CA ASP A 372 -20.48 3.66 -12.77
C ASP A 372 -21.06 4.17 -11.45
N ASP A 373 -22.36 4.49 -11.46
CA ASP A 373 -23.08 4.98 -10.28
C ASP A 373 -22.87 4.09 -9.08
N THR A 374 -23.20 2.81 -9.23
CA THR A 374 -23.10 1.82 -8.17
C THR A 374 -21.66 1.68 -7.71
N LEU A 375 -20.76 1.46 -8.67
CA LEU A 375 -19.36 1.20 -8.36
C LEU A 375 -18.65 2.35 -7.65
N ASN A 376 -18.61 3.51 -8.31
CA ASN A 376 -18.05 4.73 -7.70
C ASN A 376 -18.63 5.06 -6.32
N PHE A 377 -19.83 4.54 -6.04
CA PHE A 377 -20.46 4.74 -4.74
C PHE A 377 -19.87 3.80 -3.68
N ILE A 378 -19.93 2.49 -3.93
CA ILE A 378 -19.45 1.49 -2.98
C ILE A 378 -17.93 1.60 -2.72
N LYS A 379 -17.23 2.23 -3.65
CA LYS A 379 -15.81 2.55 -3.48
C LYS A 379 -15.65 3.64 -2.43
N THR A 380 -16.62 4.56 -2.41
CA THR A 380 -16.56 5.74 -1.53
C THR A 380 -17.31 5.56 -0.20
N HIS A 381 -18.23 4.60 -0.14
CA HIS A 381 -19.05 4.44 1.06
C HIS A 381 -19.03 3.03 1.63
N PRO A 382 -17.85 2.50 1.96
CA PRO A 382 -17.80 1.11 2.40
C PRO A 382 -18.42 0.89 3.77
N LEU A 383 -18.79 1.98 4.45
CA LEU A 383 -19.23 1.91 5.83
C LEU A 383 -20.73 2.16 5.99
N MET A 384 -21.39 1.23 6.70
CA MET A 384 -22.84 1.29 6.95
C MET A 384 -23.17 2.08 8.21
N ASP A 385 -24.27 2.84 8.14
CA ASP A 385 -24.68 3.72 9.24
C ASP A 385 -24.99 2.96 10.52
N GLU A 386 -25.79 1.90 10.41
CA GLU A 386 -26.18 1.10 11.56
C GLU A 386 -24.98 0.40 12.21
N ALA A 387 -25.20 -0.13 13.41
CA ALA A 387 -24.22 -0.97 14.08
C ALA A 387 -24.90 -2.27 14.53
N VAL A 388 -24.54 -3.37 13.88
CA VAL A 388 -25.05 -4.71 14.20
C VAL A 388 -25.26 -4.87 15.71
N PRO A 389 -26.50 -5.17 16.13
CA PRO A 389 -26.80 -5.26 17.56
C PRO A 389 -26.64 -6.68 18.08
N SER A 390 -26.30 -6.81 19.36
CA SER A 390 -26.09 -8.13 19.95
C SER A 390 -27.41 -8.81 20.34
N ILE A 391 -27.36 -10.12 20.54
CA ILE A 391 -28.50 -10.85 21.07
C ILE A 391 -28.65 -10.51 22.55
N ILE A 392 -29.88 -10.13 22.92
CA ILE A 392 -30.24 -9.52 24.21
C ILE A 392 -29.57 -8.15 24.48
N ASN A 393 -29.12 -7.51 23.40
CA ASN A 393 -28.59 -6.14 23.41
C ASN A 393 -27.60 -5.79 24.54
N ARG A 394 -26.89 -6.81 25.02
CA ARG A 394 -25.85 -6.69 26.05
C ARG A 394 -24.90 -7.90 25.97
N PRO A 395 -23.82 -7.89 26.76
CA PRO A 395 -22.95 -9.06 26.76
C PRO A 395 -23.63 -10.23 27.46
N TRP A 396 -23.38 -11.43 26.99
CA TRP A 396 -23.85 -12.66 27.65
C TRP A 396 -23.01 -13.01 28.86
N PHE A 397 -21.79 -12.46 28.92
CA PHE A 397 -20.86 -12.76 30.00
C PHE A 397 -19.91 -11.58 30.20
N LEU A 398 -19.57 -11.32 31.46
CA LEU A 398 -18.66 -10.22 31.78
C LEU A 398 -17.59 -10.67 32.75
N ARG A 399 -16.39 -10.10 32.58
CA ARG A 399 -15.33 -10.16 33.56
C ARG A 399 -14.77 -8.75 33.64
N THR A 400 -14.85 -8.15 34.82
CA THR A 400 -14.37 -6.79 35.01
C THR A 400 -13.39 -6.70 36.17
N MET A 401 -13.27 -7.78 36.94
CA MET A 401 -12.40 -7.78 38.11
C MET A 401 -11.33 -8.87 37.98
N VAL A 402 -10.87 -9.09 36.75
CA VAL A 402 -9.76 -10.02 36.49
C VAL A 402 -8.56 -9.32 35.85
N ARG A 403 -7.38 -9.88 36.09
CA ARG A 403 -6.13 -9.35 35.55
C ARG A 403 -5.93 -9.68 34.07
N TYR A 404 -6.46 -10.83 33.63
CA TYR A 404 -6.37 -11.29 32.25
C TYR A 404 -7.54 -10.81 31.40
N ARG A 405 -7.37 -10.86 30.08
CA ARG A 405 -8.49 -10.69 29.16
C ARG A 405 -9.01 -12.07 28.73
N LEU A 406 -10.22 -12.11 28.18
CA LEU A 406 -10.77 -13.35 27.64
C LEU A 406 -10.46 -13.39 26.16
N THR A 407 -10.10 -14.57 25.64
CA THR A 407 -9.73 -14.69 24.23
C THR A 407 -10.51 -15.76 23.47
N LYS A 408 -9.98 -16.99 23.45
CA LYS A 408 -10.50 -18.04 22.59
C LYS A 408 -11.87 -18.50 23.05
N ILE A 409 -12.67 -18.98 22.10
CA ILE A 409 -14.06 -19.35 22.36
C ILE A 409 -14.49 -20.61 21.61
N ALA A 410 -14.96 -21.61 22.36
CA ALA A 410 -15.46 -22.86 21.80
C ALA A 410 -16.85 -23.17 22.34
N VAL A 411 -17.73 -23.66 21.46
CA VAL A 411 -19.16 -23.82 21.75
C VAL A 411 -19.64 -25.28 21.58
N ASP A 412 -20.68 -25.67 22.31
CA ASP A 412 -21.28 -27.02 22.23
C ASP A 412 -22.81 -26.97 22.08
N ASN A 413 -23.29 -26.84 20.84
CA ASN A 413 -24.70 -26.57 20.58
C ASN A 413 -25.65 -27.76 20.75
N ALA A 414 -25.12 -28.85 21.28
CA ALA A 414 -25.92 -30.04 21.59
C ALA A 414 -25.31 -30.83 22.76
N ALA A 415 -25.32 -30.20 23.92
CA ALA A 415 -24.82 -30.83 25.14
C ALA A 415 -25.99 -31.17 26.05
N GLY A 416 -25.91 -32.33 26.70
CA GLY A 416 -27.00 -32.83 27.52
C GLY A 416 -27.67 -34.03 26.88
N PRO A 417 -28.53 -34.74 27.63
CA PRO A 417 -29.13 -36.00 27.15
C PRO A 417 -30.00 -35.77 25.93
N TYR A 418 -30.92 -34.82 26.04
CA TYR A 418 -31.83 -34.48 24.96
C TYR A 418 -31.16 -33.57 23.92
N GLN A 419 -30.00 -33.03 24.28
CA GLN A 419 -29.18 -32.20 23.38
C GLN A 419 -29.87 -30.89 22.99
N ASN A 420 -30.50 -30.25 23.98
CA ASN A 420 -31.14 -28.94 23.77
C ASN A 420 -30.49 -27.79 24.56
N HIS A 421 -29.47 -28.12 25.37
CA HIS A 421 -28.66 -27.12 26.09
C HIS A 421 -27.41 -26.77 25.29
N THR A 422 -26.97 -25.52 25.38
CA THR A 422 -25.74 -25.06 24.71
C THR A 422 -24.71 -24.55 25.71
N VAL A 423 -23.54 -25.19 25.74
CA VAL A 423 -22.46 -24.80 26.66
C VAL A 423 -21.34 -24.08 25.91
N VAL A 424 -20.89 -22.95 26.48
CA VAL A 424 -19.83 -22.14 25.87
C VAL A 424 -18.58 -22.13 26.75
N PHE A 425 -17.45 -22.48 26.13
CA PHE A 425 -16.14 -22.43 26.79
C PHE A 425 -15.37 -21.20 26.37
N LEU A 426 -14.73 -20.56 27.35
CA LEU A 426 -13.96 -19.36 27.10
C LEU A 426 -12.53 -19.55 27.59
N GLY A 427 -11.58 -19.24 26.72
CA GLY A 427 -10.17 -19.29 27.07
C GLY A 427 -9.65 -17.92 27.44
N SER A 428 -8.64 -17.90 28.29
CA SER A 428 -8.06 -16.65 28.77
C SER A 428 -6.63 -16.46 28.29
N GLU A 429 -5.83 -15.83 29.14
CA GLU A 429 -4.45 -15.54 28.86
C GLU A 429 -3.56 -16.10 29.94
N LYS A 430 -4.17 -16.44 31.07
CA LYS A 430 -3.46 -17.03 32.18
C LYS A 430 -3.92 -18.48 32.36
N GLY A 431 -4.37 -19.08 31.26
CA GLY A 431 -4.74 -20.49 31.25
C GLY A 431 -6.11 -20.79 31.83
N ILE A 432 -6.56 -19.95 32.76
CA ILE A 432 -7.91 -20.03 33.35
C ILE A 432 -8.94 -20.24 32.25
N ILE A 433 -9.75 -21.29 32.39
CA ILE A 433 -10.78 -21.56 31.41
C ILE A 433 -12.18 -21.44 32.02
N LEU A 434 -13.04 -20.68 31.35
CA LEU A 434 -14.35 -20.35 31.88
C LEU A 434 -15.47 -21.05 31.11
N LYS A 435 -16.43 -21.62 31.85
CA LYS A 435 -17.51 -22.42 31.27
C LYS A 435 -18.87 -21.88 31.71
N PHE A 436 -19.71 -21.50 30.75
CA PHE A 436 -21.07 -21.06 31.05
C PHE A 436 -22.10 -21.72 30.15
N LEU A 437 -23.36 -21.72 30.60
CA LEU A 437 -24.48 -22.29 29.85
C LEU A 437 -25.40 -21.21 29.30
N ALA A 438 -25.68 -21.28 28.01
CA ALA A 438 -26.59 -20.33 27.35
C ALA A 438 -28.01 -20.54 27.83
N ARG A 439 -28.54 -19.53 28.54
CA ARG A 439 -29.84 -19.65 29.18
C ARG A 439 -31.03 -19.36 28.27
N ILE A 440 -32.05 -20.20 28.41
CA ILE A 440 -33.35 -20.02 27.74
C ILE A 440 -34.29 -19.35 28.75
N GLY A 441 -35.00 -18.32 28.31
CA GLY A 441 -35.96 -17.61 29.16
C GLY A 441 -37.28 -18.36 29.33
N SER A 442 -38.18 -17.78 30.12
CA SER A 442 -39.54 -18.33 30.28
C SER A 442 -40.32 -18.14 28.98
N SER A 443 -40.04 -17.02 28.31
CA SER A 443 -40.60 -16.69 27.00
C SER A 443 -40.22 -17.69 25.90
N GLY A 444 -39.16 -18.47 26.15
CA GLY A 444 -38.57 -19.36 25.16
C GLY A 444 -37.39 -18.70 24.44
N PHE A 445 -37.42 -17.38 24.39
CA PHE A 445 -36.38 -16.54 23.78
C PHE A 445 -35.06 -16.65 24.54
N LEU A 446 -33.96 -16.27 23.89
CA LEU A 446 -32.62 -16.31 24.53
C LEU A 446 -32.48 -15.25 25.62
N ASN A 447 -31.83 -15.62 26.73
CA ASN A 447 -31.87 -14.79 27.94
C ASN A 447 -30.67 -14.98 28.88
N GLY A 448 -29.61 -14.20 28.65
CA GLY A 448 -28.43 -14.19 29.53
C GLY A 448 -27.56 -15.44 29.46
N SER A 449 -26.88 -15.74 30.57
CA SER A 449 -26.03 -16.93 30.67
C SER A 449 -26.00 -17.43 32.10
N LEU A 450 -25.17 -18.44 32.36
CA LEU A 450 -25.09 -19.06 33.68
C LEU A 450 -23.69 -19.58 33.98
N PHE A 451 -22.96 -18.89 34.85
CA PHE A 451 -21.55 -19.19 35.10
C PHE A 451 -21.36 -20.51 35.86
N LEU A 452 -21.17 -21.58 35.09
CA LEU A 452 -21.13 -22.95 35.62
C LEU A 452 -19.85 -23.28 36.39
N GLU A 453 -18.70 -23.16 35.71
CA GLU A 453 -17.43 -23.56 36.29
C GLU A 453 -16.23 -22.74 35.80
N GLU A 454 -15.25 -22.60 36.69
CA GLU A 454 -13.98 -21.97 36.39
C GLU A 454 -12.89 -22.94 36.79
N MET A 455 -12.00 -23.25 35.84
CA MET A 455 -10.89 -24.19 36.08
C MET A 455 -9.61 -23.77 35.37
N ASN A 456 -8.48 -23.95 36.05
CA ASN A 456 -7.17 -23.66 35.49
C ASN A 456 -6.55 -24.89 34.84
N VAL A 457 -6.25 -24.80 33.55
CA VAL A 457 -5.82 -25.96 32.76
C VAL A 457 -4.31 -26.07 32.51
N TYR A 458 -3.62 -24.94 32.58
CA TYR A 458 -2.18 -24.90 32.30
C TYR A 458 -1.39 -25.78 33.26
N ASN A 459 -0.44 -26.53 32.71
CA ASN A 459 0.39 -27.45 33.49
C ASN A 459 1.85 -26.99 33.56
N PRO A 460 2.23 -26.33 34.67
CA PRO A 460 3.59 -25.81 34.85
C PRO A 460 4.66 -26.90 34.77
N GLU A 461 4.32 -28.12 35.22
CA GLU A 461 5.28 -29.23 35.25
C GLU A 461 5.36 -29.98 33.92
N LYS A 462 4.63 -29.52 32.91
CA LYS A 462 4.63 -30.15 31.59
C LYS A 462 4.66 -29.18 30.41
N CYS A 463 4.49 -27.88 30.68
CA CYS A 463 4.44 -26.88 29.61
C CYS A 463 5.36 -25.69 29.84
N SER A 464 6.06 -25.67 30.97
CA SER A 464 7.01 -24.62 31.24
C SER A 464 8.42 -25.20 31.15
N TYR A 465 8.82 -25.63 29.95
CA TYR A 465 10.04 -26.44 29.85
C TYR A 465 11.29 -25.82 29.26
N ASP A 466 11.15 -24.99 28.23
CA ASP A 466 12.27 -24.18 27.75
C ASP A 466 12.32 -22.89 28.54
N GLY A 467 12.96 -21.87 28.00
CA GLY A 467 12.89 -20.54 28.61
C GLY A 467 11.47 -20.00 28.57
N VAL A 468 10.51 -20.89 28.28
CA VAL A 468 9.14 -20.50 28.00
C VAL A 468 8.13 -20.93 29.08
N GLU A 469 7.37 -19.94 29.54
CA GLU A 469 6.18 -20.15 30.32
C GLU A 469 5.21 -19.14 29.74
N ASP A 470 4.42 -19.56 28.76
CA ASP A 470 3.49 -18.67 28.07
C ASP A 470 2.06 -19.18 28.24
N LYS A 471 1.45 -18.78 29.34
CA LYS A 471 0.17 -19.33 29.79
C LYS A 471 -1.02 -18.90 28.92
N ARG A 472 -0.72 -18.31 27.77
CA ARG A 472 -1.75 -17.83 26.89
C ARG A 472 -2.30 -18.95 26.02
N ILE A 473 -3.61 -19.14 26.09
CA ILE A 473 -4.32 -20.10 25.25
C ILE A 473 -4.38 -19.54 23.83
N MET A 474 -3.99 -20.35 22.85
CA MET A 474 -3.83 -19.88 21.47
C MET A 474 -4.76 -20.57 20.49
N GLY A 475 -5.35 -21.67 20.93
CA GLY A 475 -6.28 -22.41 20.10
C GLY A 475 -7.11 -23.31 20.98
N MET A 476 -8.40 -23.41 20.68
CA MET A 476 -9.26 -24.36 21.36
C MET A 476 -10.04 -25.18 20.36
N GLN A 477 -10.12 -26.47 20.63
CA GLN A 477 -10.92 -27.35 19.81
C GLN A 477 -11.68 -28.32 20.68
N LEU A 478 -13.01 -28.22 20.62
CA LEU A 478 -13.89 -29.14 21.32
C LEU A 478 -14.15 -30.32 20.39
N ASP A 479 -14.10 -31.52 20.97
CA ASP A 479 -14.36 -32.73 20.24
C ASP A 479 -15.32 -33.59 21.04
N ARG A 480 -16.61 -33.47 20.70
CA ARG A 480 -17.67 -34.21 21.38
C ARG A 480 -17.50 -35.71 21.14
N ALA A 481 -17.08 -36.07 19.93
CA ALA A 481 -16.81 -37.47 19.57
C ALA A 481 -15.87 -38.16 20.56
N SER A 482 -14.80 -37.46 20.93
CA SER A 482 -13.86 -37.94 21.96
C SER A 482 -14.32 -37.55 23.36
N GLY A 483 -15.34 -36.71 23.44
CA GLY A 483 -15.85 -36.19 24.71
C GLY A 483 -14.83 -35.33 25.42
N SER A 484 -14.09 -34.53 24.66
CA SER A 484 -13.01 -33.71 25.21
C SER A 484 -12.84 -32.35 24.52
N LEU A 485 -12.25 -31.41 25.24
CA LEU A 485 -11.88 -30.09 24.70
C LEU A 485 -10.36 -29.96 24.74
N TYR A 486 -9.77 -29.67 23.59
CA TYR A 486 -8.33 -29.53 23.44
C TYR A 486 -7.90 -28.06 23.50
N VAL A 487 -7.05 -27.75 24.47
CA VAL A 487 -6.63 -26.37 24.71
C VAL A 487 -5.15 -26.24 24.40
N ALA A 488 -4.80 -25.30 23.52
CA ALA A 488 -3.45 -25.19 23.02
C ALA A 488 -2.72 -23.96 23.54
N PHE A 489 -1.66 -24.20 24.29
CA PHE A 489 -0.69 -23.17 24.67
C PHE A 489 0.49 -23.27 23.70
N SER A 490 1.35 -22.25 23.63
CA SER A 490 2.43 -22.27 22.62
C SER A 490 3.42 -23.43 22.85
N THR A 491 3.31 -24.05 24.02
CA THR A 491 4.26 -25.05 24.47
C THR A 491 3.71 -26.48 24.39
N CYS A 492 2.40 -26.63 24.55
CA CYS A 492 1.75 -27.93 24.70
C CYS A 492 0.27 -27.88 24.32
N VAL A 493 -0.32 -29.02 24.01
CA VAL A 493 -1.77 -29.13 23.85
C VAL A 493 -2.34 -30.05 24.92
N ILE A 494 -3.47 -29.65 25.51
CA ILE A 494 -4.06 -30.35 26.64
C ILE A 494 -5.46 -30.87 26.34
N LYS A 495 -5.68 -32.14 26.69
CA LYS A 495 -6.96 -32.80 26.52
C LYS A 495 -7.79 -32.71 27.80
N VAL A 496 -8.70 -31.73 27.84
CA VAL A 496 -9.59 -31.58 28.98
C VAL A 496 -10.94 -32.22 28.65
N PRO A 497 -11.40 -33.16 29.50
CA PRO A 497 -12.70 -33.80 29.34
C PRO A 497 -13.82 -32.80 29.60
N LEU A 498 -14.84 -32.83 28.74
CA LEU A 498 -15.96 -31.88 28.82
C LEU A 498 -16.60 -31.80 30.21
N GLY A 499 -16.85 -32.96 30.81
CA GLY A 499 -17.43 -33.03 32.14
C GLY A 499 -16.70 -34.00 33.05
N ARG A 500 -15.95 -33.46 34.00
CA ARG A 500 -15.34 -34.25 35.08
C ARG A 500 -16.35 -34.33 36.22
N CYS A 501 -17.26 -35.31 36.11
CA CYS A 501 -18.44 -35.39 36.99
C CYS A 501 -18.15 -36.03 38.35
N GLU A 502 -17.24 -36.99 38.38
CA GLU A 502 -16.80 -37.63 39.63
C GLU A 502 -16.11 -36.64 40.59
N ARG A 503 -15.92 -35.40 40.12
CA ARG A 503 -15.37 -34.32 40.93
C ARG A 503 -16.34 -33.93 42.06
N HIS A 504 -17.63 -33.87 41.74
CA HIS A 504 -18.67 -33.49 42.70
C HIS A 504 -18.92 -34.58 43.77
N GLY A 505 -18.61 -35.82 43.44
CA GLY A 505 -18.57 -36.93 44.40
C GLY A 505 -19.86 -37.73 44.58
N LYS A 506 -20.01 -38.32 45.76
CA LYS A 506 -21.20 -39.08 46.13
C LYS A 506 -22.25 -38.20 46.79
N CYS A 507 -21.87 -36.97 47.11
CA CYS A 507 -22.77 -35.99 47.72
C CYS A 507 -23.79 -35.53 46.68
N LYS A 508 -24.96 -36.17 46.69
CA LYS A 508 -26.02 -35.92 45.71
C LYS A 508 -26.55 -34.49 45.71
N LYS A 509 -26.45 -33.82 46.87
CA LYS A 509 -26.96 -32.46 47.06
C LYS A 509 -26.47 -31.49 45.97
N THR A 510 -25.18 -31.53 45.67
CA THR A 510 -24.56 -30.57 44.75
C THR A 510 -24.15 -31.16 43.40
N CYS A 511 -24.35 -32.46 43.22
CA CYS A 511 -24.21 -33.08 41.90
C CYS A 511 -25.34 -32.59 40.99
N ILE A 512 -26.49 -32.32 41.59
CA ILE A 512 -27.65 -31.82 40.86
C ILE A 512 -27.55 -30.29 40.70
N ALA A 513 -27.07 -29.64 41.76
CA ALA A 513 -26.97 -28.18 41.82
C ALA A 513 -25.96 -27.57 40.84
N SER A 514 -25.00 -28.39 40.39
CA SER A 514 -23.99 -27.96 39.43
C SER A 514 -24.59 -27.58 38.09
N ARG A 515 -25.77 -28.15 37.81
CA ARG A 515 -26.53 -27.85 36.59
C ARG A 515 -25.68 -28.04 35.33
N ASP A 516 -24.75 -28.99 35.40
CA ASP A 516 -23.84 -29.30 34.30
C ASP A 516 -24.55 -30.27 33.34
N PRO A 517 -24.80 -29.83 32.10
CA PRO A 517 -25.48 -30.68 31.11
C PRO A 517 -24.70 -31.95 30.75
N TYR A 518 -23.45 -32.01 31.18
CA TYR A 518 -22.62 -33.21 30.99
C TYR A 518 -22.73 -34.16 32.17
N CYS A 519 -23.28 -33.67 33.28
CA CYS A 519 -23.35 -34.43 34.52
C CYS A 519 -24.78 -34.75 34.97
N GLY A 520 -24.89 -35.70 35.89
CA GLY A 520 -26.16 -36.10 36.48
C GLY A 520 -26.01 -37.19 37.52
N TRP A 521 -27.13 -37.67 38.05
CA TRP A 521 -27.13 -38.75 39.05
C TRP A 521 -27.70 -40.05 38.49
N VAL A 522 -26.96 -41.13 38.70
CA VAL A 522 -27.40 -42.49 38.37
C VAL A 522 -27.48 -43.30 39.66
N ARG A 523 -28.67 -43.84 39.93
CA ARG A 523 -28.97 -44.48 41.23
C ARG A 523 -28.36 -45.88 41.37
N GLU A 524 -28.10 -46.53 40.24
CA GLU A 524 -27.53 -47.89 40.25
C GLU A 524 -26.11 -47.94 40.83
N SER A 525 -25.41 -46.80 40.80
CA SER A 525 -24.04 -46.70 41.32
C SER A 525 -23.94 -45.88 42.60
N GLY A 526 -24.84 -44.90 42.76
CA GLY A 526 -24.88 -44.05 43.94
C GLY A 526 -23.85 -42.93 43.95
N SER A 527 -23.48 -42.46 42.77
CA SER A 527 -22.54 -41.33 42.63
C SER A 527 -22.82 -40.51 41.36
N CYS A 528 -22.00 -39.50 41.13
CA CYS A 528 -22.21 -38.53 40.05
C CYS A 528 -21.32 -38.85 38.85
N ALA A 529 -21.94 -39.06 37.69
CA ALA A 529 -21.21 -39.45 36.47
C ALA A 529 -21.79 -38.88 35.17
N HIS A 530 -20.99 -38.94 34.10
CA HIS A 530 -21.33 -38.34 32.80
C HIS A 530 -22.18 -39.23 31.89
N LEU A 531 -22.76 -38.61 30.86
CA LEU A 531 -23.60 -39.31 29.88
C LEU A 531 -22.83 -40.34 29.05
N SER A 532 -23.43 -41.51 28.88
CA SER A 532 -22.84 -42.57 28.05
C SER A 532 -23.80 -43.00 26.92
N PRO A 533 -23.23 -43.39 25.76
CA PRO A 533 -24.00 -43.93 24.63
C PRO A 533 -24.87 -45.16 24.97
N LEU A 534 -24.56 -45.87 26.05
CA LEU A 534 -25.42 -46.91 26.62
C LEU A 534 -26.56 -46.26 27.40
N SER A 535 -27.43 -45.54 26.68
CA SER A 535 -28.54 -44.81 27.30
C SER A 535 -29.76 -45.71 27.59
N ARG A 536 -29.58 -46.60 28.56
CA ARG A 536 -30.65 -47.47 29.05
C ARG A 536 -30.86 -47.23 30.55
N LEU A 537 -29.82 -46.71 31.21
CA LEU A 537 -29.80 -46.49 32.65
C LEU A 537 -30.51 -45.18 33.07
N THR A 538 -30.96 -45.11 34.32
CA THR A 538 -31.68 -43.95 34.85
C THR A 538 -30.75 -42.77 35.16
N PHE A 539 -30.87 -41.71 34.35
CA PHE A 539 -30.00 -40.53 34.43
C PHE A 539 -30.82 -39.32 34.92
N GLU A 540 -30.58 -38.91 36.16
CA GLU A 540 -31.35 -37.85 36.80
C GLU A 540 -30.59 -36.52 36.90
N GLN A 541 -31.12 -35.51 36.22
CA GLN A 541 -30.51 -34.17 36.21
C GLN A 541 -31.55 -33.05 36.19
N ASP A 542 -31.27 -31.98 36.93
CA ASP A 542 -32.06 -30.76 36.84
C ASP A 542 -31.15 -29.63 36.42
N ILE A 543 -31.48 -29.01 35.29
CA ILE A 543 -30.63 -27.99 34.67
C ILE A 543 -31.37 -26.67 34.59
N GLU A 544 -32.65 -26.75 34.24
CA GLU A 544 -33.49 -25.57 34.02
C GLU A 544 -33.90 -24.92 35.35
N ARG A 545 -34.11 -25.74 36.38
CA ARG A 545 -34.49 -25.26 37.69
C ARG A 545 -33.33 -25.42 38.69
N GLY A 546 -32.59 -26.51 38.58
CA GLY A 546 -31.49 -26.82 39.49
C GLY A 546 -31.97 -26.99 40.93
N ASN A 547 -32.85 -27.97 41.13
CA ASN A 547 -33.56 -28.13 42.39
C ASN A 547 -32.77 -28.82 43.52
N THR A 548 -32.50 -28.05 44.56
CA THR A 548 -31.74 -28.53 45.72
C THR A 548 -32.64 -29.11 46.82
N ASP A 549 -33.90 -28.66 46.84
CA ASP A 549 -34.87 -28.90 47.93
C ASP A 549 -34.85 -30.26 48.63
N GLY A 550 -34.53 -30.23 49.92
CA GLY A 550 -34.61 -31.39 50.82
C GLY A 550 -33.76 -32.59 50.41
N LEU A 551 -32.45 -32.44 50.48
CA LEU A 551 -31.53 -33.53 50.17
C LEU A 551 -30.38 -33.62 51.18
N GLY A 552 -30.02 -34.86 51.53
CA GLY A 552 -28.97 -35.14 52.50
C GLY A 552 -27.64 -34.47 52.15
N ASP A 553 -27.03 -33.84 53.16
CA ASP A 553 -25.80 -33.09 52.97
C ASP A 553 -24.55 -33.96 53.15
N CYS A 554 -23.38 -33.36 52.94
CA CYS A 554 -22.10 -34.07 53.03
C CYS A 554 -21.74 -34.45 54.47
N PRO B 6 21.20 42.15 -35.52
CA PRO B 6 21.87 40.97 -36.08
C PRO B 6 20.88 39.94 -36.66
N GLN B 7 21.29 39.26 -37.73
CA GLN B 7 20.43 38.35 -38.49
C GLN B 7 20.42 36.92 -37.92
N TYR B 8 19.70 36.73 -36.82
CA TYR B 8 19.59 35.41 -36.19
C TYR B 8 18.63 34.51 -36.96
N SER B 9 18.90 33.20 -36.96
CA SER B 9 18.00 32.24 -37.60
C SER B 9 16.72 32.05 -36.78
N THR B 10 15.58 31.98 -37.46
CA THR B 10 14.28 31.96 -36.79
C THR B 10 13.29 30.97 -37.40
N PHE B 11 12.35 30.52 -36.57
CA PHE B 11 11.24 29.67 -36.99
C PHE B 11 9.99 30.07 -36.21
N HIS B 12 9.07 30.75 -36.89
CA HIS B 12 7.80 31.15 -36.29
C HIS B 12 6.81 29.99 -36.30
N SER B 13 5.82 30.06 -35.43
CA SER B 13 4.72 29.10 -35.47
C SER B 13 3.87 29.43 -36.69
N GLU B 14 3.51 28.42 -37.47
CA GLU B 14 2.66 28.63 -38.64
C GLU B 14 1.23 28.99 -38.25
N ASN B 15 0.94 29.00 -36.94
CA ASN B 15 -0.39 29.21 -36.43
C ASN B 15 -0.41 30.01 -35.14
N ARG B 16 -1.54 30.66 -34.87
CA ARG B 16 -1.73 31.47 -33.66
C ARG B 16 -2.01 30.57 -32.46
N ASP B 17 -2.69 29.44 -32.71
CA ASP B 17 -3.07 28.48 -31.68
C ASP B 17 -2.00 27.42 -31.47
N TRP B 18 -1.41 26.96 -32.56
CA TRP B 18 -0.41 25.89 -32.52
C TRP B 18 0.91 26.41 -31.96
N THR B 19 0.97 26.46 -30.62
CA THR B 19 2.10 26.99 -29.88
C THR B 19 3.13 25.90 -29.55
N PHE B 20 4.37 26.31 -29.30
CA PHE B 20 5.45 25.35 -29.02
C PHE B 20 5.45 24.89 -27.56
N ASN B 21 5.85 23.64 -27.36
CA ASN B 21 5.81 23.02 -26.04
C ASN B 21 7.19 22.62 -25.54
N HIS B 22 7.83 21.70 -26.26
CA HIS B 22 9.15 21.16 -25.92
C HIS B 22 10.12 21.33 -27.09
N LEU B 23 11.39 21.08 -26.84
CA LEU B 23 12.44 21.20 -27.86
C LEU B 23 13.61 20.28 -27.53
N THR B 24 14.27 19.77 -28.57
CA THR B 24 15.50 18.96 -28.42
C THR B 24 16.28 18.92 -29.73
N VAL B 25 17.59 18.70 -29.63
CA VAL B 25 18.46 18.66 -30.81
C VAL B 25 19.22 17.35 -30.88
N HIS B 26 19.34 16.79 -32.08
CA HIS B 26 20.14 15.58 -32.27
C HIS B 26 21.62 15.94 -32.17
N ARG B 27 22.29 15.37 -31.18
CA ARG B 27 23.68 15.72 -30.85
C ARG B 27 24.71 15.23 -31.88
N ARG B 28 24.25 14.62 -32.97
CA ARG B 28 25.16 14.14 -33.99
C ARG B 28 24.83 14.64 -35.41
N THR B 29 23.56 14.92 -35.67
CA THR B 29 23.12 15.37 -37.00
C THR B 29 22.66 16.82 -37.03
N GLY B 30 22.30 17.35 -35.86
CA GLY B 30 21.94 18.75 -35.73
C GLY B 30 20.52 19.05 -36.15
N ALA B 31 19.73 17.99 -36.32
CA ALA B 31 18.31 18.13 -36.61
C ALA B 31 17.58 18.73 -35.42
N VAL B 32 16.73 19.74 -35.67
CA VAL B 32 16.03 20.42 -34.60
C VAL B 32 14.59 19.96 -34.52
N TYR B 33 14.29 19.13 -33.53
CA TYR B 33 12.93 18.61 -33.34
C TYR B 33 12.15 19.48 -32.36
N VAL B 34 11.08 20.10 -32.86
CA VAL B 34 10.33 21.06 -32.06
C VAL B 34 8.92 20.60 -31.80
N GLY B 35 8.71 19.92 -30.67
CA GLY B 35 7.35 19.51 -30.28
C GLY B 35 6.45 20.71 -30.07
N ALA B 36 5.24 20.65 -30.62
CA ALA B 36 4.28 21.77 -30.56
C ALA B 36 2.83 21.28 -30.54
N ILE B 37 1.90 22.19 -30.28
CA ILE B 37 0.47 21.85 -30.30
C ILE B 37 0.11 21.34 -31.70
N ASN B 38 -0.35 20.08 -31.75
CA ASN B 38 -0.81 19.43 -32.99
C ASN B 38 0.28 19.08 -34.00
N ARG B 39 1.50 19.55 -33.75
CA ARG B 39 2.59 19.34 -34.69
C ARG B 39 3.84 18.82 -33.99
N VAL B 40 4.75 18.23 -34.77
CA VAL B 40 6.08 17.85 -34.30
C VAL B 40 7.07 18.10 -35.45
N TYR B 41 7.46 19.36 -35.65
CA TYR B 41 8.35 19.75 -36.74
C TYR B 41 9.78 19.24 -36.58
N LYS B 42 10.35 18.72 -37.66
CA LYS B 42 11.79 18.50 -37.75
C LYS B 42 12.37 19.60 -38.63
N LEU B 43 13.43 20.25 -38.14
CA LEU B 43 14.09 21.34 -38.88
C LEU B 43 15.57 21.06 -39.12
N THR B 44 16.22 21.92 -39.91
CA THR B 44 17.67 21.79 -40.13
C THR B 44 18.42 22.74 -39.23
N GLY B 45 19.74 22.51 -39.10
CA GLY B 45 20.62 23.34 -38.27
C GLY B 45 20.27 24.82 -38.24
N ASN B 46 20.03 25.39 -39.42
CA ASN B 46 19.70 26.81 -39.54
C ASN B 46 18.21 27.11 -39.53
N LEU B 47 17.46 26.30 -38.77
CA LEU B 47 16.01 26.45 -38.54
C LEU B 47 15.16 26.69 -39.78
N THR B 48 15.46 25.96 -40.85
CA THR B 48 14.61 25.98 -42.04
C THR B 48 13.71 24.75 -42.07
N ILE B 49 12.40 25.01 -42.18
CA ILE B 49 11.36 23.99 -42.08
C ILE B 49 11.61 22.78 -42.96
N GLN B 50 11.50 21.58 -42.39
CA GLN B 50 11.61 20.37 -43.18
C GLN B 50 10.33 19.55 -43.17
N VAL B 51 10.16 18.72 -42.16
CA VAL B 51 9.00 17.83 -42.09
C VAL B 51 8.02 18.30 -41.03
N ALA B 52 6.90 18.88 -41.46
CA ALA B 52 5.78 19.11 -40.55
C ALA B 52 5.12 17.77 -40.28
N HIS B 53 4.44 17.64 -39.15
CA HIS B 53 3.85 16.36 -38.77
C HIS B 53 2.62 16.57 -37.91
N LYS B 54 1.46 16.26 -38.46
CA LYS B 54 0.20 16.41 -37.73
C LYS B 54 0.14 15.36 -36.63
N THR B 55 -0.24 15.80 -35.43
CA THR B 55 -0.68 14.93 -34.35
C THR B 55 -2.08 15.33 -33.90
N GLY B 56 -2.52 16.49 -34.38
CA GLY B 56 -3.86 16.98 -34.05
C GLY B 56 -4.37 18.07 -34.98
N PRO B 57 -5.61 18.53 -34.73
CA PRO B 57 -6.48 17.98 -33.69
C PRO B 57 -7.21 16.73 -34.17
N GLU B 58 -7.81 15.99 -33.24
CA GLU B 58 -8.60 14.80 -33.57
C GLU B 58 -9.81 14.79 -32.66
N GLU B 59 -10.73 13.87 -32.93
CA GLU B 59 -11.92 13.73 -32.10
C GLU B 59 -11.57 13.08 -30.78
N ASP B 60 -11.99 13.70 -29.68
CA ASP B 60 -11.72 13.18 -28.33
C ASP B 60 -12.54 13.91 -27.26
N ASN B 61 -12.60 13.32 -26.07
CA ASN B 61 -13.14 13.97 -24.88
C ASN B 61 -12.43 13.50 -23.62
N LYS B 62 -12.09 14.46 -22.75
CA LYS B 62 -11.34 14.21 -21.51
C LYS B 62 -12.01 13.22 -20.56
N ALA B 63 -13.33 13.08 -20.67
CA ALA B 63 -14.09 12.19 -19.79
C ALA B 63 -13.99 10.72 -20.21
N CYS B 64 -13.64 10.50 -21.49
CA CYS B 64 -13.55 9.15 -22.06
C CYS B 64 -12.39 8.35 -21.50
N TYR B 65 -12.70 7.40 -20.63
CA TYR B 65 -11.70 6.43 -20.17
C TYR B 65 -12.34 5.05 -19.96
N PRO B 66 -11.72 3.98 -20.49
CA PRO B 66 -10.51 3.92 -21.31
C PRO B 66 -10.66 4.75 -22.59
N PRO B 67 -9.53 5.21 -23.16
CA PRO B 67 -9.56 6.24 -24.24
C PRO B 67 -10.15 5.74 -25.56
N LEU B 68 -10.68 6.69 -26.35
CA LEU B 68 -11.32 6.39 -27.64
C LEU B 68 -10.57 5.39 -28.54
N ILE B 69 -9.24 5.37 -28.43
CA ILE B 69 -8.41 4.44 -29.20
C ILE B 69 -8.68 2.98 -28.81
N VAL B 70 -9.02 2.73 -27.55
CA VAL B 70 -9.23 1.34 -27.10
C VAL B 70 -10.69 0.93 -26.97
N GLN B 71 -11.60 1.89 -27.09
CA GLN B 71 -13.04 1.60 -27.11
C GLN B 71 -13.90 2.83 -27.40
N PRO B 72 -15.09 2.61 -28.00
CA PRO B 72 -16.01 3.71 -28.24
C PRO B 72 -16.59 4.20 -26.92
N CYS B 73 -16.80 5.51 -26.83
CA CYS B 73 -17.15 6.14 -25.59
C CYS B 73 -18.40 6.99 -25.77
N SER B 74 -19.39 6.75 -24.92
CA SER B 74 -20.72 7.36 -25.06
C SER B 74 -20.79 8.79 -24.54
N GLU B 75 -19.84 9.61 -24.97
CA GLU B 75 -19.77 10.99 -24.55
C GLU B 75 -19.74 11.92 -25.77
N VAL B 76 -20.15 13.16 -25.54
CA VAL B 76 -20.07 14.21 -26.56
C VAL B 76 -18.60 14.49 -26.91
N LEU B 77 -18.18 14.03 -28.08
CA LEU B 77 -16.80 14.25 -28.54
C LEU B 77 -16.62 15.69 -29.03
N THR B 78 -15.36 16.17 -29.05
CA THR B 78 -15.02 17.48 -29.61
C THR B 78 -13.69 17.40 -30.37
N LEU B 79 -13.41 18.43 -31.16
CA LEU B 79 -12.13 18.58 -31.84
C LEU B 79 -11.12 19.10 -30.82
N THR B 80 -10.44 18.17 -30.16
CA THR B 80 -9.49 18.48 -29.07
C THR B 80 -8.06 18.57 -29.58
N ASN B 81 -7.29 19.47 -29.00
CA ASN B 81 -5.88 19.65 -29.38
C ASN B 81 -4.91 18.69 -28.71
N ASN B 82 -3.82 18.42 -29.40
CA ASN B 82 -2.79 17.53 -28.90
C ASN B 82 -1.55 18.30 -28.47
N VAL B 83 -1.38 18.45 -27.15
CA VAL B 83 -0.23 19.15 -26.59
C VAL B 83 0.92 18.19 -26.43
N ASN B 84 2.08 18.56 -26.96
CA ASN B 84 3.26 17.73 -26.85
C ASN B 84 3.79 17.74 -25.43
N LYS B 85 3.51 16.68 -24.67
CA LYS B 85 3.91 16.61 -23.28
C LYS B 85 5.36 16.13 -23.08
N LEU B 86 5.91 15.46 -24.10
CA LEU B 86 7.22 14.84 -23.98
C LEU B 86 7.87 14.69 -25.35
N LEU B 87 9.19 14.77 -25.38
CA LEU B 87 9.93 14.66 -26.63
C LEU B 87 11.39 14.27 -26.39
N ILE B 88 11.63 12.97 -26.28
CA ILE B 88 12.98 12.47 -26.05
C ILE B 88 13.50 11.77 -27.29
N ILE B 89 14.66 12.20 -27.77
CA ILE B 89 15.37 11.44 -28.78
C ILE B 89 15.92 10.19 -28.11
N ASP B 90 15.63 9.04 -28.70
CA ASP B 90 16.19 7.77 -28.24
C ASP B 90 17.36 7.45 -29.16
N TYR B 91 18.57 7.67 -28.65
CA TYR B 91 19.78 7.58 -29.46
C TYR B 91 20.15 6.15 -29.83
N SER B 92 20.06 5.25 -28.86
CA SER B 92 20.43 3.86 -29.04
C SER B 92 19.67 3.18 -30.20
N GLU B 93 18.35 3.34 -30.22
CA GLU B 93 17.51 2.71 -31.26
C GLU B 93 17.12 3.66 -32.38
N ASN B 94 17.84 4.77 -32.50
CA ASN B 94 17.67 5.73 -33.60
C ASN B 94 16.22 6.13 -33.90
N ARG B 95 15.51 6.61 -32.90
CA ARG B 95 14.10 6.97 -33.07
C ARG B 95 13.69 8.07 -32.10
N LEU B 96 12.73 8.88 -32.50
CA LEU B 96 12.18 9.90 -31.60
C LEU B 96 10.97 9.36 -30.85
N LEU B 97 10.80 9.80 -29.60
CA LEU B 97 9.63 9.44 -28.80
C LEU B 97 8.85 10.70 -28.47
N ALA B 98 7.54 10.64 -28.65
CA ALA B 98 6.68 11.81 -28.43
C ALA B 98 5.34 11.42 -27.83
N CYS B 99 4.93 12.17 -26.82
CA CYS B 99 3.66 11.92 -26.16
C CYS B 99 2.81 13.19 -26.11
N GLY B 100 1.51 12.99 -25.99
CA GLY B 100 0.56 14.08 -26.13
C GLY B 100 -0.68 13.97 -25.25
N SER B 101 -1.45 15.05 -25.23
CA SER B 101 -2.62 15.20 -24.35
C SER B 101 -3.83 14.39 -24.79
N LEU B 102 -3.82 13.95 -26.05
CA LEU B 102 -4.96 13.25 -26.64
C LEU B 102 -5.18 11.86 -26.08
N TYR B 103 -6.41 11.37 -26.22
CA TYR B 103 -6.80 10.01 -25.83
C TYR B 103 -6.09 9.53 -24.57
N GLN B 104 -6.13 10.37 -23.54
CA GLN B 104 -5.54 10.03 -22.24
C GLN B 104 -4.03 9.75 -22.28
N GLY B 105 -3.30 10.50 -23.11
CA GLY B 105 -1.83 10.45 -23.10
C GLY B 105 -1.19 9.43 -24.01
N VAL B 106 -1.39 9.60 -25.31
CA VAL B 106 -0.83 8.70 -26.32
C VAL B 106 0.66 8.93 -26.47
N CYS B 107 1.41 7.83 -26.51
CA CYS B 107 2.82 7.93 -26.82
C CYS B 107 3.08 7.23 -28.15
N LYS B 108 3.79 7.91 -29.04
CA LYS B 108 4.11 7.38 -30.35
C LYS B 108 5.61 7.43 -30.54
N LEU B 109 6.19 6.33 -30.98
CA LEU B 109 7.59 6.31 -31.35
C LEU B 109 7.74 6.69 -32.81
N LEU B 110 8.22 7.90 -33.06
CA LEU B 110 8.41 8.39 -34.42
C LEU B 110 9.79 8.02 -34.98
N ARG B 111 10.00 8.32 -36.26
CA ARG B 111 11.25 8.00 -36.94
C ARG B 111 11.99 9.30 -37.10
N LEU B 112 13.31 9.25 -36.99
CA LEU B 112 14.13 10.47 -37.06
C LEU B 112 14.19 11.06 -38.47
N ASP B 113 14.25 10.18 -39.47
CA ASP B 113 14.41 10.56 -40.87
C ASP B 113 13.25 11.42 -41.41
N ASP B 114 12.02 11.06 -41.07
CA ASP B 114 10.81 11.68 -41.65
C ASP B 114 9.64 11.82 -40.67
N LEU B 115 9.82 11.35 -39.44
CA LEU B 115 8.79 11.40 -38.38
C LEU B 115 7.61 10.45 -38.62
N PHE B 116 7.87 9.37 -39.35
CA PHE B 116 6.81 8.42 -39.66
C PHE B 116 6.60 7.47 -38.49
N ILE B 117 5.36 7.39 -38.01
CA ILE B 117 5.04 6.54 -36.87
C ILE B 117 5.65 5.15 -37.04
N LEU B 118 6.70 4.85 -36.29
CA LEU B 118 7.34 3.53 -36.30
C LEU B 118 6.50 2.52 -35.54
N VAL B 119 6.00 2.93 -34.36
CA VAL B 119 5.33 2.04 -33.42
C VAL B 119 4.14 2.71 -32.75
N GLU B 120 2.97 2.13 -32.97
CA GLU B 120 1.80 2.45 -32.18
C GLU B 120 1.85 1.54 -30.92
N PRO B 121 1.57 2.10 -29.71
CA PRO B 121 1.47 1.24 -28.53
C PRO B 121 0.13 0.48 -28.54
N SER B 122 0.09 -0.66 -27.86
CA SER B 122 -1.09 -1.53 -27.86
C SER B 122 -2.39 -0.80 -27.51
N HIS B 123 -3.50 -1.53 -27.55
CA HIS B 123 -4.78 -0.97 -27.13
C HIS B 123 -5.12 -1.47 -25.72
N LYS B 124 -4.05 -1.64 -24.93
CA LYS B 124 -4.11 -1.87 -23.51
C LYS B 124 -4.17 -0.49 -22.86
N LYS B 125 -5.20 -0.23 -22.07
CA LYS B 125 -5.48 1.12 -21.56
C LYS B 125 -4.33 1.75 -20.74
N GLU B 126 -3.50 0.90 -20.12
CA GLU B 126 -2.40 1.38 -19.29
C GLU B 126 -1.26 1.98 -20.08
N HIS B 127 -1.20 1.69 -21.38
CA HIS B 127 -0.17 2.26 -22.26
C HIS B 127 -0.39 3.75 -22.47
N TYR B 128 -1.46 4.26 -21.87
CA TYR B 128 -1.82 5.66 -21.98
C TYR B 128 -1.56 6.35 -20.65
N LEU B 129 -0.87 7.49 -20.70
CA LEU B 129 -0.12 8.02 -19.56
C LEU B 129 -0.82 9.05 -18.70
N SER B 130 -1.59 9.95 -19.31
CA SER B 130 -2.21 11.04 -18.56
C SER B 130 -3.17 11.89 -19.38
N SER B 131 -4.30 12.25 -18.77
CA SER B 131 -5.29 13.11 -19.43
C SER B 131 -4.98 14.61 -19.28
N VAL B 132 -3.88 14.91 -18.63
CA VAL B 132 -3.45 16.29 -18.38
C VAL B 132 -2.96 16.95 -19.67
N ASN B 133 -3.51 18.12 -19.97
CA ASN B 133 -3.19 18.83 -21.21
C ASN B 133 -2.50 20.18 -21.03
N LYS B 134 -1.76 20.33 -19.94
CA LYS B 134 -0.94 21.53 -19.69
C LYS B 134 0.54 21.16 -19.57
N THR B 135 1.41 21.98 -20.17
CA THR B 135 2.82 21.63 -20.32
C THR B 135 3.63 21.82 -19.02
N GLY B 136 4.75 21.10 -18.93
CA GLY B 136 5.69 21.23 -17.82
C GLY B 136 5.23 20.51 -16.58
N THR B 137 4.58 19.37 -16.77
CA THR B 137 4.10 18.56 -15.68
C THR B 137 4.52 17.12 -15.89
N MET B 138 5.19 16.87 -17.01
CA MET B 138 5.65 15.54 -17.34
C MET B 138 7.07 15.61 -17.84
N TYR B 139 7.89 14.64 -17.42
CA TYR B 139 9.24 14.49 -17.94
C TYR B 139 9.64 13.02 -17.99
N GLY B 140 10.50 12.67 -18.95
CA GLY B 140 10.95 11.30 -19.09
C GLY B 140 12.43 11.15 -19.35
N VAL B 141 12.97 10.01 -18.94
CA VAL B 141 14.35 9.64 -19.22
C VAL B 141 14.38 8.23 -19.76
N ILE B 142 15.00 8.05 -20.93
CA ILE B 142 15.15 6.73 -21.54
C ILE B 142 16.48 6.15 -21.10
N VAL B 143 16.44 5.00 -20.43
CA VAL B 143 17.66 4.38 -19.92
C VAL B 143 17.86 3.00 -20.55
N ARG B 144 18.80 2.93 -21.50
CA ARG B 144 19.16 1.65 -22.11
C ARG B 144 20.60 1.27 -21.79
N SER B 145 20.88 1.02 -20.51
CA SER B 145 22.19 0.50 -20.11
C SER B 145 22.40 -0.90 -20.73
N GLU B 146 23.63 -1.12 -21.20
CA GLU B 146 23.98 -2.22 -22.13
C GLU B 146 23.65 -3.63 -21.62
N GLY B 147 23.13 -4.45 -22.52
CA GLY B 147 22.74 -5.82 -22.20
C GLY B 147 21.24 -6.08 -22.29
N GLU B 148 20.44 -5.08 -21.88
CA GLU B 148 18.97 -5.21 -21.88
C GLU B 148 18.31 -4.35 -22.95
N ASP B 149 17.01 -4.61 -23.17
CA ASP B 149 16.18 -3.83 -24.10
C ASP B 149 16.13 -2.35 -23.72
N GLY B 150 16.29 -2.06 -22.43
CA GLY B 150 16.18 -0.70 -21.93
C GLY B 150 14.74 -0.27 -21.73
N LYS B 151 14.55 0.88 -21.08
CA LYS B 151 13.26 1.27 -20.52
C LYS B 151 13.05 2.78 -20.56
N LEU B 152 11.80 3.19 -20.35
CA LEU B 152 11.45 4.59 -20.19
C LEU B 152 11.02 4.84 -18.74
N PHE B 153 11.77 5.68 -18.04
CA PHE B 153 11.38 6.18 -16.73
C PHE B 153 10.57 7.45 -16.95
N ILE B 154 9.31 7.43 -16.51
CA ILE B 154 8.40 8.54 -16.76
C ILE B 154 7.58 8.96 -15.54
N GLY B 155 7.53 10.26 -15.33
CA GLY B 155 6.74 10.87 -14.28
C GLY B 155 5.83 11.93 -14.86
N THR B 156 4.60 11.99 -14.35
CA THR B 156 3.60 12.92 -14.87
C THR B 156 2.55 13.29 -13.83
N ALA B 157 1.95 14.46 -14.05
CA ALA B 157 0.75 14.87 -13.32
C ALA B 157 -0.38 13.94 -13.71
N VAL B 158 -1.28 13.65 -12.78
CA VAL B 158 -2.37 12.70 -13.02
C VAL B 158 -3.76 13.26 -12.70
N ASP B 159 -3.83 14.57 -12.47
CA ASP B 159 -5.08 15.29 -12.19
C ASP B 159 -6.14 14.50 -11.43
N GLY B 160 -5.79 14.03 -10.25
CA GLY B 160 -6.75 13.39 -9.36
C GLY B 160 -7.16 11.96 -9.68
N LYS B 161 -6.89 11.52 -10.91
CA LYS B 161 -7.12 10.12 -11.30
C LYS B 161 -5.97 9.29 -10.77
N GLN B 162 -6.04 8.92 -9.51
CA GLN B 162 -4.99 8.13 -8.90
C GLN B 162 -5.09 6.69 -9.39
N ASP B 163 -6.28 6.31 -9.85
CA ASP B 163 -6.52 4.97 -10.38
C ASP B 163 -6.01 4.83 -11.80
N TYR B 164 -6.25 5.85 -12.62
CA TYR B 164 -6.00 5.75 -14.06
C TYR B 164 -4.54 5.79 -14.46
N PHE B 165 -3.79 6.72 -13.89
CA PHE B 165 -2.39 6.87 -14.25
C PHE B 165 -1.49 6.90 -13.02
N PRO B 166 -0.33 6.21 -13.08
CA PRO B 166 0.60 6.31 -11.97
C PRO B 166 1.30 7.66 -12.03
N THR B 167 1.81 8.14 -10.90
CA THR B 167 2.52 9.41 -10.91
C THR B 167 3.90 9.27 -11.53
N LEU B 168 4.57 8.14 -11.22
CA LEU B 168 5.90 7.82 -11.75
C LEU B 168 6.01 6.31 -11.96
N SER B 169 6.54 5.93 -13.12
CA SER B 169 6.63 4.52 -13.50
C SER B 169 7.77 4.28 -14.47
N SER B 170 8.26 3.04 -14.54
CA SER B 170 9.20 2.66 -15.58
C SER B 170 8.58 1.67 -16.58
N ARG B 171 8.50 2.10 -17.83
CA ARG B 171 7.86 1.33 -18.89
C ARG B 171 8.93 0.67 -19.75
N LYS B 172 8.54 -0.38 -20.48
CA LYS B 172 9.42 -1.06 -21.44
C LYS B 172 9.45 -0.31 -22.75
N LEU B 173 10.65 -0.01 -23.25
CA LEU B 173 10.79 0.61 -24.55
C LEU B 173 11.70 -0.30 -25.37
N PRO B 174 11.12 -1.32 -26.03
CA PRO B 174 11.89 -2.47 -26.48
C PRO B 174 12.61 -2.25 -27.81
N ARG B 175 13.62 -3.09 -28.07
CA ARG B 175 14.47 -3.02 -29.26
C ARG B 175 13.63 -3.15 -30.53
N ASP B 176 13.06 -4.34 -30.73
CA ASP B 176 12.14 -4.62 -31.82
C ASP B 176 11.08 -3.52 -31.84
N PRO B 177 11.08 -2.68 -32.91
CA PRO B 177 10.11 -1.60 -32.97
C PRO B 177 8.70 -2.16 -33.10
N GLU B 178 8.57 -3.33 -33.73
CA GLU B 178 7.27 -3.94 -33.97
C GLU B 178 6.56 -4.41 -32.68
N SER B 179 7.35 -4.93 -31.74
CA SER B 179 6.89 -5.49 -30.44
C SER B 179 5.70 -4.80 -29.75
N SER B 180 4.84 -5.64 -29.17
CA SER B 180 3.67 -5.18 -28.45
C SER B 180 4.03 -4.80 -27.02
N ALA B 181 5.26 -5.10 -26.63
CA ALA B 181 5.75 -4.83 -25.28
C ALA B 181 5.77 -3.33 -24.94
N MET B 182 5.81 -2.51 -25.98
CA MET B 182 5.72 -1.04 -25.89
C MET B 182 4.95 -0.52 -24.68
N LEU B 183 5.63 0.22 -23.81
CA LEU B 183 5.02 0.89 -22.64
C LEU B 183 4.23 0.01 -21.65
N ASP B 184 4.54 -1.28 -21.61
CA ASP B 184 4.10 -2.12 -20.51
C ASP B 184 5.00 -1.79 -19.33
N TYR B 185 4.50 -1.95 -18.12
CA TYR B 185 5.32 -1.72 -16.92
C TYR B 185 6.47 -2.73 -16.89
N GLU B 186 7.67 -2.25 -16.56
CA GLU B 186 8.84 -3.13 -16.49
C GLU B 186 8.57 -4.34 -15.60
N LEU B 187 7.70 -4.17 -14.61
CA LEU B 187 7.20 -5.24 -13.77
C LEU B 187 5.74 -4.99 -13.42
N HIS B 188 4.95 -6.05 -13.35
CA HIS B 188 3.52 -5.95 -12.99
C HIS B 188 2.98 -7.23 -12.39
N SER B 189 3.22 -7.44 -11.10
CA SER B 189 2.50 -8.46 -10.37
C SER B 189 1.29 -7.81 -9.71
N ASP B 190 0.60 -8.54 -8.84
CA ASP B 190 -0.57 -8.01 -8.14
C ASP B 190 -0.22 -6.87 -7.18
N PHE B 191 1.00 -6.91 -6.66
CA PHE B 191 1.44 -5.98 -5.63
C PHE B 191 2.67 -5.21 -6.07
N VAL B 192 3.79 -5.92 -6.18
CA VAL B 192 5.04 -5.29 -6.60
C VAL B 192 4.98 -4.99 -8.10
N SER B 193 5.23 -3.73 -8.46
CA SER B 193 5.20 -3.27 -9.86
C SER B 193 6.13 -2.07 -10.03
N SER B 194 6.61 -1.82 -11.25
CA SER B 194 7.51 -0.69 -11.48
C SER B 194 6.74 0.62 -11.64
N LEU B 195 5.88 0.90 -10.67
CA LEU B 195 5.06 2.10 -10.70
C LEU B 195 4.75 2.58 -9.29
N ILE B 196 4.58 3.89 -9.13
CA ILE B 196 4.17 4.48 -7.86
C ILE B 196 2.86 5.24 -8.07
N LYS B 197 1.82 4.85 -7.34
CA LYS B 197 0.52 5.50 -7.47
C LYS B 197 0.18 6.37 -6.28
N ILE B 198 -0.29 7.60 -6.56
CA ILE B 198 -0.76 8.53 -5.54
C ILE B 198 -1.95 7.92 -4.82
N PRO B 199 -1.85 7.70 -3.49
CA PRO B 199 -2.95 7.06 -2.79
C PRO B 199 -4.17 7.96 -2.73
N SER B 200 -5.35 7.34 -2.65
CA SER B 200 -6.61 8.06 -2.51
C SER B 200 -6.67 8.85 -1.21
N ASP B 201 -6.06 8.29 -0.15
CA ASP B 201 -6.00 8.92 1.17
C ASP B 201 -5.45 10.33 1.13
N THR B 202 -4.35 10.49 0.38
CA THR B 202 -3.69 11.78 0.22
C THR B 202 -4.50 12.73 -0.65
N LEU B 203 -5.13 12.20 -1.69
CA LEU B 203 -5.94 13.02 -2.59
C LEU B 203 -7.21 13.55 -1.94
N ALA B 204 -7.63 12.88 -0.87
CA ALA B 204 -8.72 13.37 -0.04
C ALA B 204 -8.21 14.47 0.91
N LEU B 205 -7.13 14.14 1.61
CA LEU B 205 -6.58 14.99 2.67
C LEU B 205 -5.96 16.31 2.18
N VAL B 206 -5.62 16.39 0.89
CA VAL B 206 -5.20 17.65 0.28
C VAL B 206 -5.98 17.86 -1.00
N SER B 207 -6.60 19.03 -1.10
CA SER B 207 -7.59 19.34 -2.16
C SER B 207 -7.18 18.90 -3.57
N HIS B 208 -6.48 19.77 -4.28
CA HIS B 208 -6.08 19.49 -5.65
C HIS B 208 -4.64 18.98 -5.67
N PHE B 209 -4.42 17.86 -4.98
CA PHE B 209 -3.08 17.31 -4.82
C PHE B 209 -2.57 16.63 -6.07
N ASP B 210 -1.38 17.04 -6.50
CA ASP B 210 -0.73 16.44 -7.65
C ASP B 210 0.78 16.54 -7.50
N ILE B 211 1.52 16.00 -8.45
CA ILE B 211 2.97 16.10 -8.43
C ILE B 211 3.42 16.46 -9.82
N PHE B 212 3.95 17.66 -9.98
CA PHE B 212 4.44 18.12 -11.27
C PHE B 212 5.91 17.75 -11.41
N TYR B 213 6.28 17.17 -12.55
CA TYR B 213 7.66 16.79 -12.81
C TYR B 213 8.28 17.78 -13.79
N ILE B 214 9.42 18.33 -13.42
CA ILE B 214 10.00 19.44 -14.17
C ILE B 214 11.22 19.02 -14.97
N TYR B 215 12.02 18.12 -14.40
CA TYR B 215 13.21 17.63 -15.07
C TYR B 215 13.62 16.26 -14.53
N GLY B 216 14.33 15.50 -15.37
CA GLY B 216 14.85 14.19 -15.00
C GLY B 216 16.15 13.95 -15.73
N PHE B 217 17.02 13.13 -15.16
CA PHE B 217 18.30 12.87 -15.80
C PHE B 217 18.93 11.53 -15.46
N ALA B 218 19.73 11.04 -16.38
CA ALA B 218 20.54 9.87 -16.16
C ALA B 218 21.87 10.33 -15.60
N SER B 219 22.25 9.77 -14.46
CA SER B 219 23.57 10.01 -13.89
C SER B 219 24.08 8.75 -13.20
N GLY B 220 25.20 8.25 -13.69
CA GLY B 220 25.82 7.06 -13.12
C GLY B 220 24.85 5.90 -13.05
N GLY B 221 24.70 5.33 -11.86
CA GLY B 221 23.82 4.18 -11.68
C GLY B 221 22.37 4.54 -11.41
N PHE B 222 22.02 5.83 -11.54
CA PHE B 222 20.73 6.32 -11.07
C PHE B 222 19.93 7.16 -12.06
N VAL B 223 18.65 7.29 -11.77
CA VAL B 223 17.76 8.16 -12.51
C VAL B 223 17.23 9.15 -11.50
N TYR B 224 17.19 10.43 -11.87
CA TYR B 224 16.74 11.47 -10.97
C TYR B 224 15.58 12.23 -11.58
N PHE B 225 14.57 12.52 -10.76
CA PHE B 225 13.43 13.32 -11.18
C PHE B 225 13.18 14.47 -10.22
N LEU B 226 12.95 15.66 -10.78
CA LEU B 226 12.80 16.89 -10.00
C LEU B 226 11.34 17.32 -9.97
N THR B 227 10.73 17.22 -8.79
CA THR B 227 9.28 17.30 -8.65
C THR B 227 8.78 18.39 -7.70
N VAL B 228 7.75 19.12 -8.14
CA VAL B 228 7.08 20.14 -7.33
C VAL B 228 5.67 19.67 -6.95
N GLN B 229 5.32 19.78 -5.68
CA GLN B 229 4.00 19.34 -5.22
C GLN B 229 3.46 20.16 -4.05
N PRO B 230 2.12 20.21 -3.89
CA PRO B 230 1.55 20.67 -2.63
C PRO B 230 1.99 19.76 -1.50
N GLU B 231 1.99 20.28 -0.27
CA GLU B 231 2.48 19.51 0.87
C GLU B 231 1.41 19.12 1.88
N THR B 232 1.51 17.87 2.36
CA THR B 232 0.64 17.33 3.41
C THR B 232 0.66 18.22 4.67
N PRO B 233 -0.52 18.46 5.29
CA PRO B 233 -0.58 19.20 6.56
C PRO B 233 0.15 18.51 7.73
N ASP B 243 -1.49 28.73 4.69
CA ASP B 243 -1.65 28.98 3.26
C ASP B 243 -1.18 27.77 2.41
N LEU B 244 -1.10 27.96 1.09
CA LEU B 244 -0.64 26.94 0.13
C LEU B 244 0.88 26.66 0.22
N PHE B 245 1.23 25.51 0.80
CA PHE B 245 2.63 25.12 0.98
C PHE B 245 3.12 24.13 -0.07
N TYR B 246 4.04 24.60 -0.93
CA TYR B 246 4.62 23.78 -1.99
C TYR B 246 6.03 23.35 -1.64
N THR B 247 6.47 22.21 -2.17
CA THR B 247 7.79 21.68 -1.84
C THR B 247 8.47 21.03 -3.05
N SER B 248 9.60 21.60 -3.48
CA SER B 248 10.37 21.04 -4.60
C SER B 248 11.21 19.88 -4.09
N ARG B 249 11.34 18.82 -4.89
CA ARG B 249 12.07 17.61 -4.43
C ARG B 249 13.02 16.99 -5.46
N ILE B 250 13.94 16.17 -4.97
CA ILE B 250 14.76 15.31 -5.81
C ILE B 250 14.27 13.87 -5.59
N VAL B 251 13.96 13.16 -6.68
CA VAL B 251 13.55 11.76 -6.60
C VAL B 251 14.61 10.88 -7.26
N ARG B 252 15.13 9.91 -6.52
CA ARG B 252 16.18 9.04 -7.05
C ARG B 252 15.84 7.56 -7.02
N LEU B 253 16.03 6.94 -8.19
CA LEU B 253 15.81 5.52 -8.42
C LEU B 253 17.03 4.90 -9.09
N CYS B 254 17.31 3.64 -8.78
CA CYS B 254 18.35 2.90 -9.50
C CYS B 254 17.90 2.64 -10.91
N LYS B 255 18.84 2.65 -11.85
CA LYS B 255 18.53 2.32 -13.23
C LYS B 255 17.98 0.89 -13.27
N ASP B 256 18.66 -0.02 -12.59
CA ASP B 256 18.19 -1.39 -12.52
C ASP B 256 17.49 -1.71 -11.21
N ASP B 257 16.26 -1.19 -11.09
CA ASP B 257 15.36 -1.57 -10.02
C ASP B 257 13.89 -1.52 -10.46
N PRO B 258 13.29 -2.69 -10.65
CA PRO B 258 11.93 -2.84 -11.12
C PRO B 258 10.92 -2.80 -9.99
N LYS B 259 11.32 -3.29 -8.82
CA LYS B 259 10.44 -3.31 -7.66
C LYS B 259 10.17 -1.91 -7.08
N PHE B 260 10.96 -0.93 -7.54
CA PHE B 260 10.92 0.46 -7.08
C PHE B 260 11.26 0.62 -5.59
N HIS B 261 12.04 -0.32 -5.08
CA HIS B 261 12.47 -0.31 -3.70
C HIS B 261 13.55 0.74 -3.43
N SER B 262 14.24 1.17 -4.48
CA SER B 262 15.37 2.09 -4.36
C SER B 262 14.94 3.52 -4.09
N TYR B 263 13.66 3.81 -4.35
CA TYR B 263 13.07 5.14 -4.20
C TYR B 263 13.54 5.89 -2.96
N VAL B 264 14.00 7.12 -3.15
CA VAL B 264 14.30 8.03 -2.04
C VAL B 264 14.11 9.49 -2.47
N SER B 265 13.44 10.26 -1.64
CA SER B 265 13.05 11.62 -2.02
C SER B 265 13.40 12.67 -0.96
N LEU B 266 14.17 13.68 -1.35
CA LEU B 266 14.59 14.77 -0.47
C LEU B 266 14.23 16.13 -1.08
N PRO B 267 13.79 17.09 -0.24
CA PRO B 267 13.52 18.43 -0.74
C PRO B 267 14.81 19.12 -1.14
N PHE B 268 14.72 20.05 -2.08
CA PHE B 268 15.89 20.82 -2.46
C PHE B 268 15.58 22.29 -2.77
N GLY B 269 16.60 23.12 -2.61
CA GLY B 269 16.49 24.54 -2.86
C GLY B 269 17.82 25.21 -2.56
N CYS B 270 17.87 26.52 -2.73
CA CYS B 270 19.07 27.28 -2.41
C CYS B 270 18.67 28.64 -1.89
N THR B 271 19.51 29.18 -1.01
CA THR B 271 19.24 30.46 -0.37
C THR B 271 20.47 31.38 -0.45
N ARG B 272 20.23 32.67 -0.64
CA ARG B 272 21.29 33.69 -0.60
C ARG B 272 20.76 34.99 0.03
N ALA B 273 21.59 35.57 0.91
CA ALA B 273 21.26 36.82 1.60
C ALA B 273 19.90 36.74 2.33
N GLY B 274 19.79 35.76 3.23
CA GLY B 274 18.61 35.61 4.09
C GLY B 274 17.35 35.16 3.39
N VAL B 275 17.19 35.58 2.13
CA VAL B 275 16.09 35.16 1.26
C VAL B 275 16.29 33.71 0.84
N GLU B 276 15.21 32.94 0.84
CA GLU B 276 15.26 31.54 0.44
C GLU B 276 14.37 31.26 -0.77
N TYR B 277 14.86 30.39 -1.66
CA TYR B 277 14.19 30.06 -2.92
C TYR B 277 13.90 28.56 -2.98
N ARG B 278 12.62 28.19 -3.03
CA ARG B 278 12.24 26.77 -2.96
C ARG B 278 11.17 26.33 -3.98
N LEU B 279 10.98 27.10 -5.04
CA LEU B 279 10.07 26.70 -6.12
C LEU B 279 10.84 26.48 -7.41
N LEU B 280 11.12 25.23 -7.71
CA LEU B 280 11.83 24.85 -8.93
C LEU B 280 11.05 25.27 -10.19
N GLN B 281 11.67 26.11 -11.02
CA GLN B 281 11.04 26.54 -12.28
C GLN B 281 11.70 25.91 -13.50
N ALA B 282 12.95 25.48 -13.35
CA ALA B 282 13.70 24.79 -14.42
C ALA B 282 14.94 24.13 -13.86
N ALA B 283 15.51 23.22 -14.65
CA ALA B 283 16.75 22.55 -14.29
C ALA B 283 17.46 22.04 -15.54
N TYR B 284 18.71 21.62 -15.40
CA TYR B 284 19.53 21.21 -16.54
C TYR B 284 20.85 20.64 -16.06
N LEU B 285 21.11 19.38 -16.38
CA LEU B 285 22.36 18.72 -15.99
C LEU B 285 23.48 19.10 -16.94
N ALA B 286 24.69 19.24 -16.42
CA ALA B 286 25.87 19.58 -17.23
C ALA B 286 27.16 19.33 -16.47
N LYS B 287 28.28 19.41 -17.19
CA LYS B 287 29.59 19.29 -16.57
C LYS B 287 29.89 20.53 -15.70
N PRO B 288 30.81 20.38 -14.71
CA PRO B 288 31.03 21.51 -13.82
C PRO B 288 32.05 22.46 -14.41
N GLY B 289 32.04 23.70 -13.93
CA GLY B 289 33.11 24.63 -14.28
C GLY B 289 34.42 24.10 -13.74
N GLU B 290 35.52 24.74 -14.13
CA GLU B 290 36.78 24.48 -13.47
C GLU B 290 36.70 25.08 -12.07
N ALA B 291 36.22 26.32 -12.02
CA ALA B 291 35.95 27.01 -10.77
C ALA B 291 35.01 26.19 -9.90
N LEU B 292 33.92 25.76 -10.49
CA LEU B 292 32.86 25.05 -9.79
C LEU B 292 33.29 23.65 -9.34
N ALA B 293 34.27 23.08 -10.06
CA ALA B 293 34.81 21.75 -9.74
C ALA B 293 35.62 21.79 -8.45
N GLN B 294 36.43 22.84 -8.31
CA GLN B 294 37.20 23.08 -7.10
C GLN B 294 36.28 23.36 -5.93
N ALA B 295 35.15 23.99 -6.23
CA ALA B 295 34.17 24.37 -5.23
C ALA B 295 33.54 23.16 -4.56
N PHE B 296 33.22 22.13 -5.34
CA PHE B 296 32.47 20.97 -4.83
C PHE B 296 33.34 19.75 -4.54
N ASN B 297 34.64 19.85 -4.82
CA ASN B 297 35.58 18.74 -4.65
C ASN B 297 35.21 17.53 -5.52
N ILE B 298 34.61 17.80 -6.68
CA ILE B 298 34.34 16.78 -7.70
C ILE B 298 35.37 16.85 -8.83
N SER B 299 35.50 15.76 -9.57
CA SER B 299 36.33 15.73 -10.77
C SER B 299 35.68 16.63 -11.80
N SER B 300 36.36 16.93 -12.91
CA SER B 300 35.71 17.68 -14.00
C SER B 300 34.92 16.76 -14.94
N ASP B 301 34.84 15.48 -14.57
CA ASP B 301 33.92 14.52 -15.15
C ASP B 301 32.52 14.75 -14.64
N GLU B 302 32.37 14.61 -13.31
CA GLU B 302 31.09 14.42 -12.65
C GLU B 302 30.06 15.52 -12.90
N ASP B 303 28.79 15.15 -12.74
CA ASP B 303 27.70 15.98 -13.16
C ASP B 303 27.33 17.02 -12.12
N VAL B 304 26.87 18.17 -12.59
CA VAL B 304 26.28 19.21 -11.74
C VAL B 304 24.93 19.63 -12.31
N LEU B 305 23.91 19.58 -11.48
CA LEU B 305 22.59 20.02 -11.89
C LEU B 305 22.44 21.51 -11.60
N PHE B 306 22.14 22.30 -12.64
CA PHE B 306 21.86 23.73 -12.51
C PHE B 306 20.35 23.93 -12.51
N ALA B 307 19.84 24.71 -11.55
CA ALA B 307 18.40 24.88 -11.40
C ALA B 307 17.99 26.33 -11.20
N ILE B 308 16.70 26.62 -11.37
CA ILE B 308 16.14 27.95 -11.11
C ILE B 308 15.04 27.83 -10.05
N PHE B 309 14.93 28.82 -9.17
CA PHE B 309 13.97 28.77 -8.06
C PHE B 309 13.28 30.10 -7.79
N SER B 310 12.03 30.06 -7.32
CA SER B 310 11.31 31.26 -6.89
C SER B 310 11.38 31.46 -5.38
N LYS B 311 11.06 32.68 -4.93
CA LYS B 311 11.03 32.99 -3.50
C LYS B 311 9.97 32.18 -2.77
N GLY B 312 10.39 31.54 -1.68
CA GLY B 312 9.49 30.88 -0.77
C GLY B 312 8.86 29.61 -1.31
N GLN B 313 7.62 29.37 -0.86
CA GLN B 313 6.91 28.13 -1.13
C GLN B 313 5.44 28.44 -1.32
N LYS B 314 5.16 29.66 -1.78
CA LYS B 314 3.80 30.17 -1.91
C LYS B 314 3.40 30.35 -3.37
N GLN B 315 2.15 29.96 -3.67
CA GLN B 315 1.54 30.02 -5.03
C GLN B 315 2.50 29.71 -6.18
N TYR B 316 2.61 28.41 -6.47
CA TYR B 316 3.42 27.94 -7.58
C TYR B 316 2.76 28.34 -8.91
N HIS B 317 1.43 28.36 -8.90
CA HIS B 317 0.64 28.65 -10.10
C HIS B 317 0.66 30.14 -10.47
N HIS B 318 0.67 31.01 -9.45
CA HIS B 318 0.86 32.46 -9.65
C HIS B 318 2.15 32.92 -8.95
N PRO B 319 3.31 32.74 -9.62
CA PRO B 319 4.62 32.96 -9.00
C PRO B 319 5.08 34.44 -8.97
N PRO B 320 5.90 34.82 -7.96
CA PRO B 320 6.52 36.17 -7.86
C PRO B 320 7.62 36.45 -8.90
N ASP B 321 8.61 37.28 -8.53
CA ASP B 321 9.70 37.66 -9.44
C ASP B 321 11.09 37.30 -8.94
N ASP B 322 11.24 37.25 -7.61
CA ASP B 322 12.51 36.87 -6.99
C ASP B 322 12.90 35.45 -7.37
N SER B 323 13.88 35.35 -8.26
CA SER B 323 14.33 34.07 -8.79
C SER B 323 15.84 33.89 -8.64
N ALA B 324 16.29 32.63 -8.60
CA ALA B 324 17.68 32.34 -8.28
C ALA B 324 18.22 31.12 -9.00
N LEU B 325 19.31 31.30 -9.74
CA LEU B 325 20.05 30.18 -10.32
C LEU B 325 20.95 29.57 -9.25
N CYS B 326 20.96 28.23 -9.15
CA CYS B 326 21.93 27.54 -8.29
C CYS B 326 22.41 26.19 -8.82
N ALA B 327 23.59 25.79 -8.36
CA ALA B 327 24.22 24.55 -8.78
C ALA B 327 24.20 23.53 -7.65
N PHE B 328 23.92 22.28 -8.02
CA PHE B 328 23.94 21.14 -7.10
C PHE B 328 24.83 20.07 -7.72
N PRO B 329 25.97 19.77 -7.09
CA PRO B 329 26.78 18.68 -7.60
C PRO B 329 26.12 17.37 -7.24
N ILE B 330 26.03 16.46 -8.20
CA ILE B 330 25.39 15.18 -7.97
C ILE B 330 26.03 14.48 -6.78
N ARG B 331 27.36 14.55 -6.66
CA ARG B 331 28.04 13.89 -5.55
C ARG B 331 27.45 14.27 -4.20
N ALA B 332 27.00 15.52 -4.07
CA ALA B 332 26.39 16.01 -2.83
C ALA B 332 25.03 15.38 -2.60
N ILE B 333 24.24 15.30 -3.66
CA ILE B 333 22.93 14.64 -3.59
C ILE B 333 23.16 13.17 -3.24
N ASN B 334 24.02 12.51 -4.01
CA ASN B 334 24.33 11.10 -3.79
C ASN B 334 24.85 10.79 -2.39
N LEU B 335 25.50 11.76 -1.78
CA LEU B 335 26.01 11.59 -0.42
C LEU B 335 25.01 11.99 0.63
N GLN B 336 24.27 13.09 0.40
CA GLN B 336 23.24 13.48 1.35
C GLN B 336 22.19 12.36 1.48
N ILE B 337 21.95 11.66 0.38
CA ILE B 337 21.09 10.49 0.37
C ILE B 337 21.75 9.34 1.12
N LYS B 338 23.02 9.07 0.81
CA LYS B 338 23.75 7.97 1.44
C LYS B 338 23.72 8.03 2.97
N GLU B 339 23.79 9.24 3.51
CA GLU B 339 23.75 9.43 4.97
C GLU B 339 22.32 9.40 5.51
N ARG B 340 21.35 9.81 4.69
CA ARG B 340 19.94 9.68 5.06
C ARG B 340 19.58 8.20 5.19
N LEU B 341 19.96 7.40 4.18
CA LEU B 341 19.77 5.96 4.23
C LEU B 341 20.51 5.38 5.43
N GLN B 342 21.76 5.80 5.57
CA GLN B 342 22.66 5.29 6.62
C GLN B 342 21.97 5.28 7.96
N SER B 343 21.55 6.47 8.40
CA SER B 343 20.99 6.68 9.72
C SER B 343 19.73 5.86 9.87
N CYS B 344 18.84 5.99 8.89
CA CYS B 344 17.57 5.29 8.89
C CYS B 344 17.75 3.77 9.03
N TYR B 345 18.86 3.25 8.53
CA TYR B 345 19.16 1.83 8.69
C TYR B 345 19.76 1.47 10.05
N HIS B 346 19.98 2.46 10.90
CA HIS B 346 20.39 2.22 12.30
C HIS B 346 19.27 2.59 13.27
N GLY B 347 18.03 2.49 12.80
CA GLY B 347 16.85 2.77 13.62
C GLY B 347 16.57 4.23 13.86
N GLU B 348 17.37 5.11 13.25
CA GLU B 348 17.29 6.54 13.50
C GLU B 348 16.19 7.21 12.68
N GLY B 349 15.26 7.86 13.38
CA GLY B 349 14.21 8.68 12.74
C GLY B 349 13.08 7.91 12.07
N ASN B 350 12.39 8.59 11.16
CA ASN B 350 11.29 7.99 10.41
C ASN B 350 11.54 8.01 8.91
N LEU B 351 10.65 7.36 8.15
CA LEU B 351 10.74 7.38 6.70
C LEU B 351 10.39 8.75 6.15
N GLU B 352 9.40 9.39 6.78
CA GLU B 352 9.05 10.78 6.47
C GLU B 352 8.73 11.00 5.00
N LEU B 353 7.69 10.33 4.52
CA LEU B 353 7.17 10.55 3.17
C LEU B 353 5.66 10.33 3.23
N ASN B 354 4.97 11.36 3.71
CA ASN B 354 3.59 11.20 4.12
C ASN B 354 2.54 11.20 3.01
N TRP B 355 2.88 11.72 1.83
CA TRP B 355 1.96 11.73 0.71
C TRP B 355 1.76 10.34 0.12
N LEU B 356 2.80 9.53 0.18
CA LEU B 356 2.76 8.18 -0.39
C LEU B 356 2.51 7.12 0.69
N LEU B 357 2.99 7.37 1.91
CA LEU B 357 2.82 6.41 2.99
C LEU B 357 1.51 6.58 3.76
N GLY B 358 1.07 7.83 3.88
CA GLY B 358 -0.23 8.14 4.51
C GLY B 358 -0.27 8.00 6.02
N LYS B 359 0.88 7.71 6.61
CA LYS B 359 1.04 7.58 8.05
C LYS B 359 2.52 7.67 8.43
N ASP B 360 2.83 7.46 9.70
CA ASP B 360 4.23 7.43 10.13
C ASP B 360 4.76 6.00 10.17
N VAL B 361 5.93 5.80 9.58
CA VAL B 361 6.56 4.48 9.58
C VAL B 361 7.97 4.59 10.14
N GLN B 362 8.24 3.79 11.16
CA GLN B 362 9.53 3.84 11.84
C GLN B 362 10.62 3.11 11.08
N CYS B 363 11.75 3.81 10.86
CA CYS B 363 12.93 3.21 10.26
C CYS B 363 13.33 1.94 11.00
N THR B 364 13.64 0.88 10.25
CA THR B 364 13.99 -0.39 10.86
C THR B 364 15.51 -0.48 10.92
N LYS B 365 16.04 -0.70 12.13
CA LYS B 365 17.48 -0.92 12.30
C LYS B 365 17.85 -2.29 11.72
N ALA B 366 18.75 -2.27 10.75
CA ALA B 366 19.16 -3.48 10.04
C ALA B 366 20.66 -3.50 9.75
N PRO B 367 21.30 -4.68 9.90
CA PRO B 367 22.71 -4.86 9.56
C PRO B 367 22.99 -4.89 8.06
N VAL B 368 22.64 -3.81 7.35
CA VAL B 368 22.82 -3.76 5.90
C VAL B 368 23.72 -2.59 5.51
N PRO B 369 24.91 -2.90 4.95
CA PRO B 369 25.86 -1.87 4.58
C PRO B 369 25.32 -1.02 3.43
N ILE B 370 25.30 0.29 3.60
CA ILE B 370 24.86 1.15 2.51
C ILE B 370 26.07 1.48 1.63
N ASP B 371 26.48 0.51 0.81
CA ASP B 371 27.59 0.66 -0.13
C ASP B 371 27.33 1.85 -1.07
N ASP B 372 28.38 2.33 -1.74
CA ASP B 372 28.31 3.58 -2.50
C ASP B 372 27.13 3.64 -3.48
N ASN B 373 26.80 2.51 -4.11
CA ASN B 373 25.56 2.38 -4.86
C ASN B 373 24.74 1.16 -4.43
N PHE B 374 23.85 1.44 -3.50
CA PHE B 374 22.96 0.48 -2.88
C PHE B 374 21.60 0.72 -3.50
N CYS B 375 20.84 -0.35 -3.72
CA CYS B 375 19.62 -0.23 -4.52
C CYS B 375 18.31 -0.60 -3.83
N GLY B 376 18.26 -0.40 -2.52
CA GLY B 376 17.06 -0.64 -1.74
C GLY B 376 16.75 -2.09 -1.45
N LEU B 377 16.04 -2.32 -0.36
CA LEU B 377 15.47 -3.62 -0.02
C LEU B 377 13.99 -3.39 0.11
N ASP B 378 13.25 -4.35 0.66
CA ASP B 378 11.81 -4.15 0.90
C ASP B 378 11.52 -3.49 2.24
N ILE B 379 12.57 -3.18 2.99
CA ILE B 379 12.47 -2.39 4.23
C ILE B 379 13.05 -0.99 4.06
N ASN B 380 12.53 -0.04 4.84
CA ASN B 380 12.93 1.37 4.76
C ASN B 380 12.76 1.96 3.36
N GLN B 381 11.59 1.72 2.79
CA GLN B 381 11.21 2.26 1.49
C GLN B 381 9.69 2.37 1.35
N PRO B 382 9.22 3.35 0.58
CA PRO B 382 10.04 4.38 -0.04
C PRO B 382 10.56 5.33 1.03
N LEU B 383 11.74 5.91 0.80
CA LEU B 383 12.38 6.80 1.77
C LEU B 383 12.22 8.27 1.43
N GLY B 384 11.93 9.06 2.45
CA GLY B 384 11.80 10.50 2.29
C GLY B 384 12.81 11.21 3.18
N GLY B 385 12.41 12.37 3.68
CA GLY B 385 13.27 13.20 4.51
C GLY B 385 12.75 14.62 4.49
N SER B 386 12.96 15.34 5.61
CA SER B 386 12.61 16.75 5.69
C SER B 386 13.84 17.57 6.06
N THR B 387 14.84 17.51 5.20
CA THR B 387 16.14 18.10 5.45
C THR B 387 16.77 18.55 4.13
N PRO B 388 16.23 19.64 3.55
CA PRO B 388 16.59 20.18 2.24
C PRO B 388 18.01 19.93 1.80
N VAL B 389 18.18 19.60 0.52
CA VAL B 389 19.50 19.57 -0.11
C VAL B 389 19.79 20.97 -0.64
N GLU B 390 20.66 21.69 0.05
CA GLU B 390 20.95 23.08 -0.26
C GLU B 390 21.96 23.22 -1.41
N GLY B 391 21.60 24.01 -2.40
CA GLY B 391 22.47 24.23 -3.53
C GLY B 391 23.18 25.57 -3.43
N LEU B 392 24.35 25.66 -4.04
CA LEU B 392 25.12 26.90 -4.05
C LEU B 392 24.56 27.91 -5.04
N THR B 393 24.04 29.03 -4.54
CA THR B 393 23.47 30.08 -5.39
C THR B 393 24.55 30.69 -6.29
N LEU B 394 24.17 31.00 -7.53
CA LEU B 394 25.11 31.57 -8.51
C LEU B 394 24.75 32.99 -8.95
N TYR B 395 23.46 33.31 -8.92
CA TYR B 395 22.94 34.58 -9.37
C TYR B 395 21.48 34.74 -8.94
N THR B 396 21.08 35.97 -8.60
CA THR B 396 19.70 36.28 -8.23
C THR B 396 19.22 37.55 -8.94
N THR B 397 17.92 37.77 -8.90
CA THR B 397 17.31 39.02 -9.38
C THR B 397 15.87 39.10 -8.86
N SER B 398 15.29 40.30 -8.90
CA SER B 398 13.88 40.48 -8.52
C SER B 398 13.20 41.48 -9.45
N ARG B 399 13.99 42.06 -10.37
CA ARG B 399 13.45 42.86 -11.47
C ARG B 399 12.76 41.95 -12.50
N ASP B 400 13.47 40.89 -12.90
CA ASP B 400 12.98 39.93 -13.89
C ASP B 400 12.82 38.56 -13.24
N ARG B 401 11.79 37.82 -13.63
CA ARG B 401 11.68 36.43 -13.19
C ARG B 401 12.47 35.54 -14.13
N LEU B 402 13.01 34.45 -13.59
CA LEU B 402 13.78 33.49 -14.39
C LEU B 402 12.95 32.24 -14.68
N THR B 403 13.09 31.73 -15.91
CA THR B 403 12.22 30.67 -16.41
C THR B 403 12.97 29.41 -16.85
N SER B 404 14.09 29.58 -17.55
CA SER B 404 14.83 28.48 -18.14
C SER B 404 16.30 28.48 -17.76
N VAL B 405 16.97 27.35 -17.96
CA VAL B 405 18.42 27.24 -17.69
C VAL B 405 19.11 26.21 -18.57
N ALA B 406 20.29 26.56 -19.08
CA ALA B 406 21.11 25.64 -19.86
C ALA B 406 22.57 26.04 -19.78
N SER B 407 23.44 25.05 -19.60
CA SER B 407 24.86 25.30 -19.34
C SER B 407 25.77 24.40 -20.16
N TYR B 408 27.02 24.82 -20.31
CA TYR B 408 28.08 23.98 -20.83
C TYR B 408 29.41 24.58 -20.42
N VAL B 409 30.49 23.84 -20.67
CA VAL B 409 31.81 24.28 -20.26
C VAL B 409 32.68 24.62 -21.46
N TYR B 410 32.92 25.90 -21.68
CA TYR B 410 33.92 26.34 -22.67
C TYR B 410 35.23 26.68 -21.97
N ASN B 411 36.27 25.92 -22.31
CA ASN B 411 37.63 26.21 -21.88
C ASN B 411 37.72 26.48 -20.36
N GLY B 412 37.38 25.45 -19.58
CA GLY B 412 37.44 25.55 -18.12
C GLY B 412 36.37 26.41 -17.47
N TYR B 413 35.82 27.37 -18.21
CA TYR B 413 34.81 28.25 -17.65
C TYR B 413 33.42 27.71 -17.95
N SER B 414 32.59 27.59 -16.93
CA SER B 414 31.20 27.18 -17.14
C SER B 414 30.29 28.39 -17.37
N VAL B 415 29.87 28.55 -18.62
CA VAL B 415 28.91 29.57 -18.99
C VAL B 415 27.52 28.99 -18.76
N VAL B 416 26.66 29.74 -18.08
CA VAL B 416 25.28 29.33 -17.87
C VAL B 416 24.32 30.34 -18.51
N PHE B 417 23.39 29.86 -19.33
CA PHE B 417 22.41 30.69 -20.02
C PHE B 417 21.06 30.59 -19.31
N VAL B 418 20.43 31.73 -19.06
CA VAL B 418 19.16 31.77 -18.34
C VAL B 418 18.13 32.63 -19.08
N GLY B 419 16.92 32.10 -19.24
CA GLY B 419 15.83 32.84 -19.87
C GLY B 419 14.94 33.55 -18.87
N THR B 420 14.24 34.58 -19.34
CA THR B 420 13.40 35.41 -18.47
C THR B 420 11.95 35.48 -18.92
N LYS B 421 11.06 35.87 -18.01
CA LYS B 421 9.66 36.13 -18.31
C LYS B 421 9.53 37.18 -19.41
N SER B 422 10.47 38.12 -19.43
CA SER B 422 10.47 39.23 -20.38
C SER B 422 11.14 38.92 -21.73
N GLY B 423 11.60 37.68 -21.89
CA GLY B 423 12.17 37.23 -23.16
C GLY B 423 13.64 37.56 -23.35
N LYS B 424 14.40 37.47 -22.27
CA LYS B 424 15.83 37.79 -22.28
C LYS B 424 16.70 36.60 -21.87
N LEU B 425 17.86 36.47 -22.50
CA LEU B 425 18.80 35.40 -22.19
C LEU B 425 20.09 35.93 -21.58
N LYS B 426 20.26 35.70 -20.28
CA LYS B 426 21.46 36.13 -19.53
C LYS B 426 22.61 35.16 -19.75
N LYS B 427 23.83 35.67 -19.78
CA LYS B 427 25.03 34.83 -19.92
C LYS B 427 25.90 34.94 -18.66
N ILE B 428 25.74 34.00 -17.73
CA ILE B 428 26.42 34.05 -16.44
C ILE B 428 27.64 33.12 -16.38
N ARG B 429 28.81 33.68 -16.02
CA ARG B 429 30.01 32.88 -15.79
C ARG B 429 30.15 32.55 -14.31
N ALA B 430 30.23 31.26 -13.99
CA ALA B 430 30.27 30.83 -12.59
C ALA B 430 31.70 30.71 -12.07
N ASP B 431 31.99 31.43 -10.99
CA ASP B 431 33.31 31.44 -10.37
C ASP B 431 33.33 30.71 -9.02
N GLY B 432 32.14 30.54 -8.43
CA GLY B 432 32.02 29.93 -7.10
C GLY B 432 32.38 30.89 -6.00
N PRO B 433 32.30 30.45 -4.72
CA PRO B 433 32.55 31.29 -3.55
C PRO B 433 33.88 32.07 -3.61
N PRO B 434 33.90 33.29 -3.01
CA PRO B 434 32.75 33.88 -2.31
C PRO B 434 31.79 34.62 -3.25
N HIS B 435 32.18 34.71 -4.52
CA HIS B 435 31.44 35.46 -5.54
C HIS B 435 30.12 34.79 -5.96
N GLY B 436 30.22 33.56 -6.46
CA GLY B 436 29.08 32.88 -7.08
C GLY B 436 29.20 32.95 -8.59
N GLY B 437 28.40 33.81 -9.20
CA GLY B 437 28.42 33.99 -10.66
C GLY B 437 28.21 35.43 -11.11
N VAL B 438 28.95 35.83 -12.14
CA VAL B 438 28.94 37.18 -12.69
C VAL B 438 28.18 37.23 -14.03
N GLN B 439 27.02 37.88 -14.03
CA GLN B 439 26.20 37.97 -15.25
C GLN B 439 26.84 38.94 -16.24
N TYR B 440 27.77 38.45 -17.05
CA TYR B 440 28.58 39.32 -17.90
C TYR B 440 27.85 39.99 -19.06
N GLU B 441 26.75 39.38 -19.53
CA GLU B 441 26.00 39.90 -20.69
C GLU B 441 24.53 39.54 -20.68
N MET B 442 23.69 40.48 -21.11
CA MET B 442 22.28 40.21 -21.35
C MET B 442 21.96 40.38 -22.83
N VAL B 443 20.96 39.66 -23.32
CA VAL B 443 20.53 39.75 -24.72
C VAL B 443 19.00 39.60 -24.79
N SER B 444 18.33 40.54 -25.43
CA SER B 444 16.88 40.43 -25.68
C SER B 444 16.59 39.62 -26.94
N VAL B 445 15.98 38.45 -26.74
CA VAL B 445 15.73 37.50 -27.83
C VAL B 445 14.37 37.75 -28.50
N PHE B 446 13.33 37.90 -27.68
CA PHE B 446 11.97 38.11 -28.19
C PHE B 446 11.55 39.56 -28.08
N LYS B 447 11.54 40.22 -29.23
CA LYS B 447 11.50 41.67 -29.33
C LYS B 447 10.20 42.29 -28.82
N ASP B 448 9.35 41.46 -28.22
CA ASP B 448 8.09 41.91 -27.62
C ASP B 448 8.06 41.68 -26.11
N GLY B 449 8.83 40.70 -25.64
CA GLY B 449 8.86 40.35 -24.22
C GLY B 449 8.10 39.08 -23.90
N SER B 450 8.31 38.05 -24.71
CA SER B 450 7.64 36.75 -24.56
C SER B 450 8.44 35.79 -23.67
N PRO B 451 7.76 35.13 -22.71
CA PRO B 451 8.43 34.17 -21.83
C PRO B 451 9.23 33.11 -22.58
N ILE B 452 10.47 32.89 -22.18
CA ILE B 452 11.28 31.80 -22.70
C ILE B 452 10.86 30.50 -22.01
N LEU B 453 10.76 29.43 -22.80
CA LEU B 453 10.31 28.14 -22.31
C LEU B 453 11.44 27.27 -21.78
N ARG B 454 11.08 26.41 -20.82
CA ARG B 454 12.03 25.59 -20.06
C ARG B 454 13.13 24.95 -20.90
N ASP B 455 12.80 24.59 -22.13
CA ASP B 455 13.71 23.85 -22.98
C ASP B 455 14.65 24.75 -23.78
N MET B 456 15.92 24.39 -23.78
CA MET B 456 16.97 25.05 -24.56
C MET B 456 18.08 24.02 -24.81
N ALA B 457 18.67 24.05 -26.01
CA ALA B 457 19.77 23.13 -26.33
C ALA B 457 20.75 23.72 -27.33
N PHE B 458 21.97 23.17 -27.36
CA PHE B 458 23.04 23.70 -28.20
C PHE B 458 23.04 23.11 -29.59
N SER B 459 23.87 23.68 -30.47
CA SER B 459 24.19 23.08 -31.76
C SER B 459 25.08 21.87 -31.53
N ILE B 460 25.38 21.11 -32.59
CA ILE B 460 26.27 19.95 -32.45
C ILE B 460 27.57 20.33 -31.75
N ASN B 461 28.23 21.36 -32.28
CA ASN B 461 29.51 21.80 -31.77
C ASN B 461 29.44 23.12 -31.01
N GLN B 462 28.50 23.19 -30.07
CA GLN B 462 28.39 24.27 -29.06
C GLN B 462 28.08 25.68 -29.59
N LEU B 463 28.36 25.94 -30.86
CA LEU B 463 28.36 27.29 -31.46
C LEU B 463 27.11 28.13 -31.23
N TYR B 464 25.94 27.48 -31.18
CA TYR B 464 24.68 28.18 -30.98
C TYR B 464 23.97 27.63 -29.77
N LEU B 465 22.87 28.29 -29.38
CA LEU B 465 21.94 27.75 -28.41
C LEU B 465 20.53 28.05 -28.90
N TYR B 466 19.72 27.00 -29.06
CA TYR B 466 18.33 27.17 -29.49
C TYR B 466 17.46 27.54 -28.30
N VAL B 467 16.75 28.66 -28.47
CA VAL B 467 15.96 29.26 -27.40
C VAL B 467 14.56 29.50 -27.95
N MET B 468 13.53 29.24 -27.15
CA MET B 468 12.16 29.33 -27.69
C MET B 468 11.06 29.86 -26.77
N SER B 469 10.16 30.65 -27.36
CA SER B 469 8.95 31.11 -26.69
C SER B 469 7.77 30.36 -27.28
N GLU B 470 6.57 30.70 -26.81
CA GLU B 470 5.35 30.04 -27.27
C GLU B 470 5.11 30.09 -28.79
N ARG B 471 5.57 31.16 -29.44
CA ARG B 471 5.38 31.32 -30.88
C ARG B 471 6.69 31.55 -31.64
N GLN B 472 7.81 31.34 -30.98
CA GLN B 472 9.11 31.58 -31.61
C GLN B 472 10.18 30.58 -31.22
N VAL B 473 11.05 30.28 -32.18
CA VAL B 473 12.28 29.52 -31.95
C VAL B 473 13.40 30.28 -32.67
N THR B 474 14.46 30.60 -31.92
CA THR B 474 15.57 31.40 -32.44
C THR B 474 16.89 30.70 -32.20
N ARG B 475 17.78 30.75 -33.18
CA ARG B 475 19.13 30.22 -33.03
C ARG B 475 20.09 31.34 -32.61
N VAL B 476 20.36 31.44 -31.31
CA VAL B 476 21.23 32.47 -30.74
C VAL B 476 22.65 31.92 -30.54
N PRO B 477 23.66 32.60 -31.10
CA PRO B 477 25.04 32.14 -30.94
C PRO B 477 25.60 32.46 -29.56
N VAL B 478 26.54 31.64 -29.10
CA VAL B 478 27.14 31.79 -27.76
C VAL B 478 28.02 33.04 -27.60
N GLU B 479 28.82 33.31 -28.63
CA GLU B 479 29.74 34.43 -28.62
C GLU B 479 29.34 35.46 -29.67
N SER B 480 29.50 36.73 -29.33
CA SER B 480 29.39 37.82 -30.29
C SER B 480 30.43 38.87 -29.93
N CYS B 481 31.65 38.39 -29.68
CA CYS B 481 32.77 39.20 -29.21
C CYS B 481 33.06 40.41 -30.11
N GLU B 482 32.51 40.37 -31.32
CA GLU B 482 32.58 41.45 -32.29
C GLU B 482 32.17 42.79 -31.67
N GLN B 483 31.10 42.76 -30.86
CA GLN B 483 30.59 43.94 -30.17
C GLN B 483 31.66 44.69 -29.38
N TYR B 484 32.66 43.94 -28.90
CA TYR B 484 33.78 44.51 -28.19
C TYR B 484 34.84 44.96 -29.21
N THR B 485 34.96 46.27 -29.34
CA THR B 485 35.76 46.91 -30.40
C THR B 485 37.24 47.02 -30.06
N THR B 486 37.55 47.48 -28.85
CA THR B 486 38.93 47.67 -28.39
C THR B 486 39.35 46.57 -27.40
N CYS B 487 40.66 46.35 -27.28
CA CYS B 487 41.20 45.41 -26.29
C CYS B 487 40.75 45.77 -24.88
N GLY B 488 40.65 47.08 -24.62
CA GLY B 488 40.20 47.61 -23.33
C GLY B 488 38.73 47.36 -23.03
N GLU B 489 37.98 46.95 -24.05
CA GLU B 489 36.58 46.57 -23.88
C GLU B 489 36.42 45.05 -24.02
N CYS B 490 37.32 44.42 -24.78
CA CYS B 490 37.30 42.98 -25.05
C CYS B 490 37.64 42.16 -23.80
N LEU B 491 38.87 42.31 -23.30
CA LEU B 491 39.29 41.61 -22.10
C LEU B 491 38.71 42.23 -20.82
N SER B 492 37.59 42.94 -20.95
CA SER B 492 36.95 43.63 -19.83
C SER B 492 35.60 43.04 -19.45
N SER B 493 34.92 42.44 -20.42
CA SER B 493 33.57 41.91 -20.23
C SER B 493 33.55 40.57 -19.50
N GLY B 494 34.62 39.78 -19.67
CA GLY B 494 34.75 38.49 -19.01
C GLY B 494 33.94 37.38 -19.66
N ASP B 495 33.61 37.57 -20.94
CA ASP B 495 32.95 36.55 -21.76
C ASP B 495 34.00 35.50 -22.15
N PRO B 496 34.00 34.35 -21.47
CA PRO B 496 35.09 33.36 -21.47
C PRO B 496 35.54 32.88 -22.85
N HIS B 497 34.78 33.21 -23.89
CA HIS B 497 35.10 32.82 -25.26
C HIS B 497 36.10 33.80 -25.90
N CYS B 498 36.00 35.07 -25.49
CA CYS B 498 36.63 36.19 -26.20
C CYS B 498 38.10 36.47 -25.86
N GLY B 499 38.99 36.15 -26.79
CA GLY B 499 40.39 36.57 -26.72
C GLY B 499 40.63 37.69 -27.71
N TRP B 500 41.47 38.66 -27.34
CA TRP B 500 41.80 39.77 -28.24
C TRP B 500 42.81 39.31 -29.28
N CYS B 501 42.48 39.52 -30.56
CA CYS B 501 43.24 38.96 -31.66
C CYS B 501 44.44 39.79 -32.09
N ALA B 502 45.53 39.08 -32.40
CA ALA B 502 46.78 39.69 -32.85
C ALA B 502 46.68 40.20 -34.30
N LEU B 503 47.01 39.33 -35.25
CA LEU B 503 47.04 39.70 -36.67
C LEU B 503 45.63 39.76 -37.27
N HIS B 504 44.79 40.62 -36.68
CA HIS B 504 43.41 40.86 -37.12
C HIS B 504 42.88 42.18 -36.56
N ASN B 505 43.33 42.52 -35.35
CA ASN B 505 42.92 43.73 -34.61
C ASN B 505 41.41 43.86 -34.33
N MET B 506 40.82 42.76 -33.84
CA MET B 506 39.41 42.72 -33.43
C MET B 506 39.18 41.68 -32.33
N CYS B 507 38.05 41.78 -31.62
CA CYS B 507 37.71 40.83 -30.56
C CYS B 507 36.77 39.73 -31.07
N SER B 508 37.24 38.48 -30.95
CA SER B 508 36.51 37.31 -31.44
C SER B 508 36.89 36.07 -30.61
N ARG B 509 36.43 34.90 -31.05
CA ARG B 509 36.78 33.65 -30.36
C ARG B 509 38.20 33.20 -30.68
N ARG B 510 38.71 32.29 -29.86
CA ARG B 510 40.09 31.80 -29.93
C ARG B 510 40.45 31.06 -31.22
N ASP B 511 39.63 30.08 -31.58
CA ASP B 511 39.95 29.17 -32.71
C ASP B 511 40.01 29.85 -34.09
N LYS B 512 39.31 30.98 -34.24
CA LYS B 512 39.37 31.76 -35.49
C LYS B 512 40.26 33.02 -35.36
N CYS B 513 41.55 32.78 -35.08
CA CYS B 513 42.55 33.83 -34.93
C CYS B 513 43.94 33.22 -34.73
C1 NAG C . -34.21 -14.27 32.28
C2 NAG C . -34.68 -15.17 33.44
C3 NAG C . -35.26 -14.27 34.51
C4 NAG C . -34.15 -13.34 35.02
C5 NAG C . -33.45 -12.62 33.87
C6 NAG C . -32.16 -11.97 34.36
C7 NAG C . -35.25 -17.56 33.21
C8 NAG C . -36.29 -18.57 32.81
N2 NAG C . -35.58 -16.26 33.06
O3 NAG C . -35.80 -15.05 35.56
O4 NAG C . -34.67 -12.42 35.95
O5 NAG C . -33.14 -13.48 32.78
O6 NAG C . -31.06 -12.87 34.21
O7 NAG C . -34.17 -17.97 33.65
C1 NAG C . -34.30 -12.80 37.30
C2 NAG C . -33.87 -11.61 38.15
C3 NAG C . -33.35 -12.15 39.48
C4 NAG C . -34.44 -12.98 40.18
C5 NAG C . -35.02 -14.04 39.23
C6 NAG C . -36.28 -14.66 39.83
C7 NAG C . -33.06 -9.40 37.36
C8 NAG C . -31.97 -8.66 36.64
N2 NAG C . -32.90 -10.72 37.48
O3 NAG C . -32.92 -11.10 40.33
O4 NAG C . -33.95 -13.59 41.35
O5 NAG C . -35.34 -13.51 37.96
O6 NAG C . -36.18 -16.06 39.74
O7 NAG C . -34.02 -8.76 37.80
C1 NAG D . -7.19 21.61 -22.03
C2 NAG D . -7.30 22.72 -23.06
C3 NAG D . -8.37 23.73 -22.67
C4 NAG D . -9.69 23.06 -22.26
C5 NAG D . -9.46 21.86 -21.35
C6 NAG D . -10.73 21.02 -21.17
C7 NAG D . -5.29 23.33 -24.36
C8 NAG D . -3.98 24.08 -24.34
N2 NAG D . -6.01 23.39 -23.23
O3 NAG D . -8.61 24.61 -23.75
O4 NAG D . -10.50 24.03 -21.61
O5 NAG D . -8.46 21.00 -21.86
O6 NAG D . -10.74 20.45 -19.89
O7 NAG D . -5.63 22.73 -25.37
C1 NAG D . -11.75 24.28 -22.33
C2 NAG D . -12.88 24.61 -21.34
C3 NAG D . -14.17 25.00 -22.06
C4 NAG D . -13.94 25.99 -23.22
C5 NAG D . -12.78 25.53 -24.11
C6 NAG D . -12.47 26.58 -25.18
C7 NAG D . -12.68 23.43 -19.15
C8 NAG D . -13.05 22.21 -18.37
N2 NAG D . -13.14 23.49 -20.42
O3 NAG D . -15.07 25.60 -21.14
O4 NAG D . -15.12 26.14 -23.97
O5 NAG D . -11.61 25.28 -23.34
O6 NAG D . -11.44 26.13 -26.02
O7 NAG D . -11.98 24.31 -18.63
C1 NAG E . 38.12 19.40 -0.43
C2 NAG E . 37.52 20.43 0.54
C3 NAG E . 38.49 20.89 1.63
C4 NAG E . 39.45 19.82 2.13
C5 NAG E . 40.00 18.97 0.96
C6 NAG E . 40.89 17.81 1.40
C7 NAG E . 35.87 22.14 -0.10
C8 NAG E . 35.64 23.38 -0.91
N2 NAG E . 37.10 21.62 -0.18
O3 NAG E . 37.73 21.41 2.71
O4 NAG E . 40.50 20.46 2.84
O5 NAG E . 38.90 18.44 0.25
O6 NAG E . 40.13 16.84 2.07
O7 NAG E . 34.97 21.64 0.57
C1 NAG E . 40.58 19.95 4.19
C2 NAG E . 41.91 20.38 4.82
C3 NAG E . 42.02 19.89 6.27
C4 NAG E . 40.73 20.11 7.07
C5 NAG E . 39.53 19.61 6.25
C6 NAG E . 38.21 19.76 6.97
C7 NAG E . 43.80 20.62 3.27
C8 NAG E . 44.88 19.87 2.54
N2 NAG E . 43.02 19.85 4.04
O3 NAG E . 43.08 20.58 6.89
O4 NAG E . 40.79 19.41 8.29
O5 NAG E . 39.50 20.31 5.03
O6 NAG E . 37.80 21.09 6.92
O7 NAG E . 43.68 21.84 3.15
C1 BMA E . 41.00 20.30 9.41
C2 BMA E . 40.20 19.78 10.61
C3 BMA E . 40.60 20.41 11.94
C4 BMA E . 42.12 20.52 12.10
C5 BMA E . 42.72 21.17 10.86
C6 BMA E . 44.23 21.28 10.92
O2 BMA E . 40.36 18.36 10.70
O3 BMA E . 40.14 19.59 13.02
O4 BMA E . 42.42 21.28 13.28
O5 BMA E . 42.38 20.37 9.73
O6 BMA E . 44.65 21.51 9.57
C1 MAN E . 46.03 21.91 9.56
C2 MAN E . 46.25 22.92 8.43
C3 MAN E . 46.52 22.26 7.07
C4 MAN E . 47.39 21.01 7.15
C5 MAN E . 46.93 20.09 8.27
C6 MAN E . 47.88 18.92 8.44
O2 MAN E . 47.33 23.80 8.76
O3 MAN E . 47.16 23.23 6.22
O4 MAN E . 47.38 20.33 5.90
O5 MAN E . 46.94 20.80 9.51
O6 MAN E . 49.15 19.49 8.77
C1 MAN E . 46.49 23.41 4.96
C2 MAN E . 47.37 24.29 4.07
C3 MAN E . 47.12 25.79 4.30
C4 MAN E . 45.63 26.13 4.42
C5 MAN E . 44.98 25.23 5.47
C6 MAN E . 43.50 25.53 5.66
O2 MAN E . 47.17 23.97 2.70
O3 MAN E . 47.68 26.54 3.21
O4 MAN E . 45.48 27.50 4.76
O5 MAN E . 45.13 23.87 5.06
O6 MAN E . 43.02 24.87 6.83
C1 MAN E . 50.18 18.50 8.72
C2 MAN E . 51.28 18.95 9.67
C3 MAN E . 52.11 20.09 9.07
C4 MAN E . 52.54 19.82 7.62
C5 MAN E . 51.34 19.36 6.78
C6 MAN E . 51.70 18.99 5.34
O2 MAN E . 52.10 17.83 10.03
O3 MAN E . 53.25 20.38 9.91
O4 MAN E . 53.13 20.99 7.04
O5 MAN E . 50.69 18.24 7.40
O6 MAN E . 50.97 19.85 4.46
C1 MAN E . 38.91 20.05 13.63
C2 MAN E . 38.84 19.48 15.04
C3 MAN E . 38.79 17.95 14.94
C4 MAN E . 37.62 17.47 14.06
C5 MAN E . 37.55 18.24 12.74
C6 MAN E . 36.26 17.96 11.96
O2 MAN E . 37.69 20.00 15.73
O3 MAN E . 38.74 17.33 16.23
O4 MAN E . 37.79 16.07 13.80
O5 MAN E . 37.71 19.67 12.92
O6 MAN E . 35.18 18.73 12.50
C1 NAG F . -25.94 -0.27 21.02
C2 NAG F . -26.42 1.09 20.48
C3 NAG F . -27.18 1.91 21.55
C4 NAG F . -28.34 1.10 22.09
C5 NAG F . -27.76 -0.20 22.64
C6 NAG F . -28.86 -1.09 23.22
C7 NAG F . -25.03 1.77 18.59
C8 NAG F . -23.88 2.61 18.10
N2 NAG F . -25.32 1.85 19.89
O3 NAG F . -27.66 3.14 21.06
O4 NAG F . -29.09 1.84 23.05
O5 NAG F . -27.04 -0.93 21.64
O6 NAG F . -29.14 -2.14 22.33
O7 NAG F . -25.65 1.07 17.79
C1 NAG G . -34.98 -30.59 26.61
C2 NAG G . -35.49 -29.63 27.70
C3 NAG G . -35.98 -30.43 28.91
C4 NAG G . -37.08 -31.40 28.48
C5 NAG G . -36.64 -32.26 27.28
C6 NAG G . -37.85 -33.00 26.72
C7 NAG G . -34.61 -27.34 27.66
C8 NAG G . -33.52 -26.40 28.09
N2 NAG G . -34.49 -28.62 28.04
O3 NAG G . -36.47 -29.54 29.90
O4 NAG G . -37.50 -32.22 29.55
O5 NAG G . -36.04 -31.48 26.24
O6 NAG G . -37.56 -33.52 25.44
O7 NAG G . -35.55 -26.91 27.00
C1 NAG H . 19.46 27.00 -44.41
C2 NAG H . 18.67 27.66 -45.56
C3 NAG H . 18.20 26.61 -46.58
C4 NAG H . 19.30 25.60 -46.93
C5 NAG H . 19.90 25.04 -45.63
C6 NAG H . 20.96 23.97 -45.84
C7 NAG H . 17.41 29.76 -45.06
C8 NAG H . 16.15 30.31 -44.44
N2 NAG H . 17.54 28.43 -45.03
O3 NAG H . 17.75 27.25 -47.75
O4 NAG H . 18.79 24.56 -47.75
O5 NAG H . 20.44 26.13 -44.93
O6 NAG H . 20.94 23.12 -44.71
O7 NAG H . 18.23 30.55 -45.53
#